data_3O86
#
_entry.id   3O86
#
_cell.length_a   118.340
_cell.length_b   76.880
_cell.length_c   97.760
_cell.angle_alpha   90.000
_cell.angle_beta   116.110
_cell.angle_gamma   90.000
#
_symmetry.space_group_name_H-M   'C 1 2 1'
#
loop_
_entity.id
_entity.type
_entity.pdbx_description
1 polymer Beta-lactamase
2 non-polymer '{[(benzylsulfonyl)amino]methyl}boronic acid'
3 non-polymer 'PHOSPHATE ION'
4 water water
#
_entity_poly.entity_id   1
_entity_poly.type   'polypeptide(L)'
_entity_poly.pdbx_seq_one_letter_code
;APQQINDIVHRTITPLIEQQKIPGMAVAVIYQGKPYYFTWGYADIAKKQPVTQQTLFELGSVSKTFTGVLGGDAIARGEI
KLSDPTTKYWPELTAKQWNGITLLHLATYTAGGLPLQVPDEVKSSSDLLRFYQNWQPAWAPGTQRLYANSSIGLFGALAV
KPSGLSFEQAMQTRVFQPLKLNHTWINVPPAEEKNYAWGYREGKAVHVSPGALDAEAYGVKSTIEDMARWVQSNLKPLDI
NEKTLQQGIQLAQSRYWQTGDMYQGLGWEMLDWPVNPDSIINGSDNKIALAARPVKAITPPTPAVRASWVHKTGATGGFG
SYVAFIPEKELGIVMLANKNYPNPARVDAAWQILNALQ
;
_entity_poly.pdbx_strand_id   A,B
#
loop_
_chem_comp.id
_chem_comp.type
_chem_comp.name
_chem_comp.formula
BSF non-polymer '{[(benzylsulfonyl)amino]methyl}boronic acid' 'C8 H12 B N O4 S'
PO4 non-polymer 'PHOSPHATE ION' 'O4 P -3'
#
# COMPACT_ATOMS: atom_id res chain seq x y z
N ALA A 1 -17.80 -18.78 27.53
CA ALA A 1 -17.47 -19.14 26.16
C ALA A 1 -18.24 -20.36 25.67
N PRO A 2 -18.43 -20.46 24.35
CA PRO A 2 -18.93 -21.69 23.73
C PRO A 2 -18.08 -22.84 24.26
N GLN A 3 -18.70 -24.00 24.43
CA GLN A 3 -17.98 -25.10 25.04
C GLN A 3 -16.78 -25.56 24.23
N GLN A 4 -16.84 -25.45 22.90
CA GLN A 4 -15.71 -25.86 22.06
C GLN A 4 -14.46 -25.02 22.35
N ILE A 5 -14.67 -23.74 22.59
CA ILE A 5 -13.56 -22.84 22.86
C ILE A 5 -13.03 -23.11 24.26
N ASN A 6 -13.95 -23.14 25.23
CA ASN A 6 -13.56 -23.56 26.57
C ASN A 6 -12.71 -24.83 26.58
N ASP A 7 -13.19 -25.89 25.96
CA ASP A 7 -12.49 -27.17 26.01
C ASP A 7 -11.10 -27.14 25.36
N ILE A 8 -10.99 -26.61 24.14
CA ILE A 8 -9.69 -26.65 23.48
C ILE A 8 -8.69 -25.78 24.21
N VAL A 9 -9.15 -24.63 24.71
CA VAL A 9 -8.24 -23.77 25.47
C VAL A 9 -7.78 -24.46 26.75
N HIS A 10 -8.70 -24.95 27.55
CA HIS A 10 -8.28 -25.56 28.80
C HIS A 10 -7.45 -26.83 28.59
N ARG A 11 -7.86 -27.66 27.64
CA ARG A 11 -7.12 -28.90 27.38
C ARG A 11 -5.72 -28.70 26.81
N THR A 12 -5.47 -27.53 26.23
CA THR A 12 -4.17 -27.22 25.67
C THR A 12 -3.30 -26.48 26.69
N ILE A 13 -3.89 -25.52 27.39
CA ILE A 13 -3.11 -24.65 28.25
C ILE A 13 -2.80 -25.25 29.62
N THR A 14 -3.72 -26.00 30.20
CA THR A 14 -3.43 -26.61 31.50
C THR A 14 -2.15 -27.45 31.50
N PRO A 15 -2.01 -28.36 30.52
CA PRO A 15 -0.78 -29.14 30.41
C PRO A 15 0.47 -28.29 30.12
N LEU A 16 0.32 -27.24 29.32
CA LEU A 16 1.42 -26.33 29.01
C LEU A 16 1.95 -25.70 30.29
N ILE A 17 1.02 -25.22 31.11
CA ILE A 17 1.37 -24.60 32.38
C ILE A 17 2.10 -25.58 33.31
N GLU A 18 1.61 -26.82 33.39
CA GLU A 18 2.29 -27.87 34.16
C GLU A 18 3.69 -28.20 33.63
N GLN A 19 3.81 -28.42 32.32
CA GLN A 19 5.08 -28.82 31.72
C GLN A 19 6.16 -27.73 31.85
N GLN A 20 5.74 -26.48 31.70
CA GLN A 20 6.67 -25.36 31.67
C GLN A 20 6.81 -24.66 33.03
N LYS A 21 6.03 -25.12 34.01
CA LYS A 21 5.99 -24.52 35.34
C LYS A 21 5.78 -23.01 35.31
N ILE A 22 4.77 -22.60 34.54
CA ILE A 22 4.44 -21.18 34.40
C ILE A 22 3.62 -20.72 35.62
N PRO A 23 4.08 -19.65 36.33
CA PRO A 23 3.36 -19.26 37.55
C PRO A 23 1.98 -18.68 37.27
N GLY A 24 1.84 -17.91 36.19
CA GLY A 24 0.60 -17.26 35.84
C GLY A 24 0.48 -17.06 34.34
N MET A 25 -0.75 -17.13 33.85
N MET A 25 -0.74 -17.20 33.83
CA MET A 25 -0.99 -17.00 32.42
CA MET A 25 -0.99 -17.01 32.39
C MET A 25 -2.37 -16.41 32.14
C MET A 25 -2.36 -16.42 32.14
N ALA A 26 -2.45 -15.62 31.08
CA ALA A 26 -3.74 -15.15 30.58
C ALA A 26 -3.79 -15.48 29.10
N VAL A 27 -4.96 -15.90 28.63
CA VAL A 27 -5.17 -16.20 27.23
C VAL A 27 -6.45 -15.53 26.73
N ALA A 28 -6.41 -15.03 25.50
CA ALA A 28 -7.61 -14.52 24.83
C ALA A 28 -7.73 -15.22 23.49
N VAL A 29 -8.91 -15.75 23.20
CA VAL A 29 -9.19 -16.20 21.85
C VAL A 29 -10.19 -15.26 21.20
N ILE A 30 -9.88 -14.83 19.99
CA ILE A 30 -10.80 -14.05 19.19
C ILE A 30 -11.42 -15.00 18.18
N TYR A 31 -12.75 -15.12 18.25
CA TYR A 31 -13.46 -16.11 17.47
C TYR A 31 -14.64 -15.41 16.80
N GLN A 32 -14.67 -15.43 15.47
CA GLN A 32 -15.64 -14.63 14.72
C GLN A 32 -15.72 -13.19 15.22
N GLY A 33 -14.57 -12.63 15.61
CA GLY A 33 -14.53 -11.24 16.03
C GLY A 33 -15.11 -10.91 17.41
N LYS A 34 -15.12 -11.88 18.31
CA LYS A 34 -15.51 -11.63 19.68
C LYS A 34 -14.44 -12.27 20.57
N PRO A 35 -14.03 -11.58 21.65
CA PRO A 35 -12.98 -12.12 22.50
C PRO A 35 -13.52 -12.97 23.64
N TYR A 36 -12.78 -14.02 23.97
CA TYR A 36 -13.05 -14.87 25.12
C TYR A 36 -11.80 -15.00 25.97
N TYR A 37 -11.92 -14.81 27.28
CA TYR A 37 -10.77 -14.75 28.17
C TYR A 37 -10.66 -15.89 29.15
N PHE A 38 -9.40 -16.22 29.48
CA PHE A 38 -9.06 -17.28 30.39
C PHE A 38 -7.86 -16.87 31.23
N THR A 39 -7.88 -17.17 32.53
CA THR A 39 -6.73 -16.91 33.37
C THR A 39 -6.41 -18.05 34.31
N TRP A 40 -5.13 -18.16 34.64
CA TRP A 40 -4.63 -19.19 35.57
C TRP A 40 -3.54 -18.64 36.49
N GLY A 41 -3.48 -19.14 37.72
CA GLY A 41 -2.29 -18.90 38.52
C GLY A 41 -2.07 -17.49 39.03
N TYR A 42 -0.80 -17.16 39.21
CA TYR A 42 -0.40 -16.01 40.00
C TYR A 42 0.35 -14.96 39.23
N ALA A 43 -0.08 -13.71 39.45
CA ALA A 43 0.62 -12.52 39.01
C ALA A 43 1.78 -12.22 39.97
N ASP A 44 1.59 -12.53 41.26
CA ASP A 44 2.60 -12.30 42.28
C ASP A 44 2.50 -13.45 43.25
N ILE A 45 3.51 -14.32 43.23
CA ILE A 45 3.47 -15.55 44.01
C ILE A 45 3.57 -15.24 45.50
N ALA A 46 4.49 -14.36 45.87
CA ALA A 46 4.69 -14.03 47.27
C ALA A 46 3.48 -13.36 47.94
N LYS A 47 2.82 -12.45 47.24
CA LYS A 47 1.64 -11.72 47.75
C LYS A 47 0.33 -12.42 47.38
N LYS A 48 0.43 -13.58 46.74
CA LYS A 48 -0.75 -14.40 46.41
C LYS A 48 -1.77 -13.69 45.52
N GLN A 49 -1.31 -12.85 44.60
CA GLN A 49 -2.23 -12.09 43.75
C GLN A 49 -2.47 -12.92 42.50
N PRO A 50 -3.74 -13.17 42.14
CA PRO A 50 -4.08 -14.00 40.97
C PRO A 50 -3.92 -13.22 39.68
N VAL A 51 -3.69 -13.93 38.58
CA VAL A 51 -3.85 -13.33 37.27
C VAL A 51 -5.32 -13.04 37.03
N THR A 52 -5.62 -11.84 36.59
CA THR A 52 -6.97 -11.46 36.20
C THR A 52 -6.94 -10.86 34.81
N GLN A 53 -8.09 -10.46 34.30
CA GLN A 53 -8.16 -9.83 32.99
C GLN A 53 -7.57 -8.43 33.00
N GLN A 54 -7.26 -7.92 34.19
CA GLN A 54 -6.65 -6.59 34.34
C GLN A 54 -5.14 -6.65 34.67
N THR A 55 -4.56 -7.85 34.78
CA THR A 55 -3.15 -8.00 35.07
C THR A 55 -2.33 -7.49 33.88
N LEU A 56 -1.32 -6.68 34.18
CA LEU A 56 -0.32 -6.23 33.18
C LEU A 56 0.81 -7.23 33.09
N PHE A 57 1.14 -7.59 31.84
CA PHE A 57 2.30 -8.42 31.55
C PHE A 57 3.29 -7.65 30.67
N GLU A 58 4.59 -7.94 30.83
CA GLU A 58 5.59 -7.42 29.86
C GLU A 58 5.41 -8.16 28.54
N LEU A 59 5.22 -7.41 27.45
CA LEU A 59 5.04 -8.03 26.13
C LEU A 59 6.36 -8.39 25.46
N GLY A 60 7.46 -7.81 25.95
CA GLY A 60 8.75 -8.01 25.29
C GLY A 60 8.62 -7.63 23.82
N SER A 61 9.19 -8.45 22.93
CA SER A 61 9.23 -8.09 21.52
C SER A 61 7.90 -8.09 20.79
N VAL A 62 6.81 -8.52 21.43
CA VAL A 62 5.50 -8.22 20.82
C VAL A 62 5.32 -6.69 20.70
N SER A 63 6.08 -5.92 21.48
CA SER A 63 6.10 -4.46 21.38
C SER A 63 6.47 -4.01 19.98
N LYS A 64 7.29 -4.80 19.30
CA LYS A 64 7.70 -4.44 17.94
C LYS A 64 6.53 -4.33 16.98
N THR A 65 5.41 -5.04 17.24
CA THR A 65 4.21 -4.85 16.40
C THR A 65 3.63 -3.44 16.59
N PHE A 66 3.67 -2.93 17.81
CA PHE A 66 3.21 -1.55 18.06
C PHE A 66 4.14 -0.56 17.35
N THR A 67 5.45 -0.78 17.45
CA THR A 67 6.42 0.10 16.76
C THR A 67 6.19 0.05 15.27
N GLY A 68 5.95 -1.14 14.73
CA GLY A 68 5.79 -1.25 13.28
C GLY A 68 4.57 -0.50 12.82
N VAL A 69 3.47 -0.63 13.55
CA VAL A 69 2.22 0.09 13.25
C VAL A 69 2.37 1.62 13.41
N LEU A 70 3.03 2.06 14.49
CA LEU A 70 3.30 3.50 14.66
C LEU A 70 4.09 4.03 13.48
N GLY A 71 5.08 3.26 13.02
CA GLY A 71 5.87 3.65 11.87
C GLY A 71 5.00 3.73 10.64
N GLY A 72 4.16 2.71 10.47
CA GLY A 72 3.22 2.68 9.37
C GLY A 72 2.32 3.92 9.36
N ASP A 73 1.86 4.32 10.54
CA ASP A 73 0.98 5.49 10.65
C ASP A 73 1.75 6.77 10.26
N ALA A 74 3.03 6.82 10.58
CA ALA A 74 3.85 7.97 10.22
C ALA A 74 4.06 8.03 8.71
N ILE A 75 4.16 6.86 8.07
CA ILE A 75 4.28 6.82 6.61
C ILE A 75 2.98 7.33 5.99
N ALA A 76 1.87 6.81 6.49
CA ALA A 76 0.54 7.21 6.00
C ALA A 76 0.31 8.71 6.17
N ARG A 77 0.86 9.31 7.23
CA ARG A 77 0.76 10.75 7.46
C ARG A 77 1.62 11.58 6.50
N GLY A 78 2.53 10.93 5.79
CA GLY A 78 3.49 11.60 4.93
C GLY A 78 4.69 12.19 5.67
N GLU A 79 4.89 11.76 6.92
CA GLU A 79 5.97 12.29 7.74
C GLU A 79 7.33 11.64 7.42
N ILE A 80 7.27 10.37 7.05
CA ILE A 80 8.44 9.60 6.67
C ILE A 80 8.11 8.71 5.46
N LYS A 81 9.16 8.24 4.78
CA LYS A 81 9.03 7.22 3.74
C LYS A 81 10.01 6.10 4.09
N LEU A 82 9.60 4.84 3.89
CA LEU A 82 10.53 3.71 4.11
C LEU A 82 11.73 3.74 3.16
N SER A 83 11.57 4.41 2.03
CA SER A 83 12.66 4.52 1.08
C SER A 83 13.65 5.64 1.47
N ASP A 84 13.36 6.40 2.52
CA ASP A 84 14.24 7.52 2.96
C ASP A 84 15.54 6.92 3.51
N PRO A 85 16.68 7.51 3.19
CA PRO A 85 17.93 7.19 3.90
C PRO A 85 17.82 7.47 5.40
N THR A 86 18.48 6.65 6.20
CA THR A 86 18.49 6.85 7.65
C THR A 86 19.03 8.24 7.99
N THR A 87 19.98 8.70 7.19
CA THR A 87 20.67 9.95 7.49
C THR A 87 19.75 11.16 7.32
N LYS A 88 18.63 10.99 6.61
CA LYS A 88 17.68 12.09 6.52
C LYS A 88 17.12 12.49 7.88
N TYR A 89 16.97 11.51 8.77
CA TYR A 89 16.42 11.74 10.11
C TYR A 89 17.48 11.81 11.20
N TRP A 90 18.70 11.40 10.86
CA TRP A 90 19.82 11.51 11.78
C TRP A 90 21.07 11.92 11.00
N PRO A 91 21.17 13.21 10.66
CA PRO A 91 22.29 13.71 9.85
C PRO A 91 23.65 13.56 10.53
N GLU A 92 23.69 13.44 11.86
CA GLU A 92 24.94 13.15 12.57
C GLU A 92 25.54 11.75 12.29
N LEU A 93 24.74 10.89 11.65
CA LEU A 93 25.20 9.56 11.28
C LEU A 93 25.98 9.68 9.99
N THR A 94 27.19 10.22 10.08
CA THR A 94 28.01 10.51 8.92
C THR A 94 28.93 9.41 8.43
N ALA A 95 29.10 8.35 9.21
CA ALA A 95 30.03 7.29 8.82
C ALA A 95 29.58 6.61 7.52
N LYS A 96 30.55 6.22 6.70
CA LYS A 96 30.27 5.86 5.32
C LYS A 96 29.42 4.61 5.15
N GLN A 97 29.42 3.74 6.17
CA GLN A 97 28.69 2.49 6.06
C GLN A 97 27.19 2.73 6.03
N TRP A 98 26.77 3.94 6.43
CA TRP A 98 25.36 4.29 6.44
C TRP A 98 24.80 4.66 5.07
N ASN A 99 25.68 4.94 4.10
CA ASN A 99 25.21 5.22 2.74
C ASN A 99 24.43 4.02 2.20
N GLY A 100 23.17 4.23 1.85
CA GLY A 100 22.38 3.16 1.28
C GLY A 100 21.51 2.40 2.27
N ILE A 101 21.63 2.69 3.57
CA ILE A 101 20.78 2.05 4.59
C ILE A 101 19.55 2.91 4.83
N THR A 102 18.38 2.37 4.48
CA THR A 102 17.14 3.14 4.49
C THR A 102 16.30 2.76 5.73
N LEU A 103 15.25 3.53 5.99
CA LEU A 103 14.36 3.18 7.11
C LEU A 103 13.77 1.78 6.90
N LEU A 104 13.54 1.36 5.66
CA LEU A 104 13.01 0.01 5.43
C LEU A 104 13.97 -1.03 6.01
N HIS A 105 15.26 -0.84 5.76
CA HIS A 105 16.26 -1.79 6.23
C HIS A 105 16.23 -1.85 7.75
N LEU A 106 16.14 -0.71 8.41
CA LEU A 106 16.05 -0.73 9.88
C LEU A 106 14.82 -1.47 10.37
N ALA A 107 13.69 -1.17 9.75
CA ALA A 107 12.43 -1.72 10.22
C ALA A 107 12.35 -3.25 10.08
N THR A 108 13.08 -3.80 9.11
CA THR A 108 12.94 -5.21 8.74
C THR A 108 14.22 -6.03 8.98
N TYR A 109 15.16 -5.45 9.73
CA TYR A 109 16.37 -6.16 10.19
C TYR A 109 17.31 -6.51 9.05
N THR A 110 17.25 -5.74 7.96
CA THR A 110 18.07 -6.02 6.78
C THR A 110 19.15 -4.97 6.50
N ALA A 111 19.53 -4.19 7.51
CA ALA A 111 20.56 -3.15 7.32
C ALA A 111 21.99 -3.67 7.09
N GLY A 112 22.22 -4.94 7.39
CA GLY A 112 23.53 -5.55 7.19
C GLY A 112 24.19 -6.07 8.46
N GLY A 113 23.37 -6.48 9.42
CA GLY A 113 23.90 -7.12 10.62
C GLY A 113 23.98 -6.23 11.87
N LEU A 114 23.05 -5.30 12.02
CA LEU A 114 22.97 -4.57 13.30
C LEU A 114 22.73 -5.62 14.38
N PRO A 115 23.36 -5.44 15.56
CA PRO A 115 23.28 -6.52 16.56
C PRO A 115 21.96 -6.65 17.30
N LEU A 116 21.69 -7.86 17.80
CA LEU A 116 20.46 -8.12 18.55
C LEU A 116 20.25 -7.15 19.69
N GLN A 117 21.30 -6.88 20.47
CA GLN A 117 21.19 -6.09 21.68
C GLN A 117 22.03 -4.83 21.59
N VAL A 118 21.47 -3.73 22.10
CA VAL A 118 22.25 -2.50 22.30
C VAL A 118 23.04 -2.78 23.59
N PRO A 119 24.36 -2.52 23.59
CA PRO A 119 25.14 -2.82 24.79
C PRO A 119 24.66 -2.02 26.02
N ASP A 120 24.74 -2.60 27.22
CA ASP A 120 24.24 -1.94 28.43
CA ASP A 120 24.23 -1.93 28.41
C ASP A 120 24.98 -0.62 28.71
N GLU A 121 26.18 -0.48 28.17
CA GLU A 121 27.00 0.72 28.37
C GLU A 121 26.44 1.95 27.67
N VAL A 122 25.58 1.70 26.69
CA VAL A 122 24.98 2.76 25.91
C VAL A 122 23.77 3.33 26.65
N LYS A 123 23.88 4.58 27.07
CA LYS A 123 22.78 5.29 27.74
C LYS A 123 22.29 6.49 26.94
N SER A 124 23.15 7.51 26.83
CA SER A 124 22.75 8.84 26.34
C SER A 124 22.51 8.92 24.84
N SER A 125 21.94 10.03 24.40
CA SER A 125 21.80 10.27 22.98
C SER A 125 23.19 10.18 22.34
N SER A 126 24.20 10.69 23.04
CA SER A 126 25.59 10.68 22.54
C SER A 126 26.20 9.27 22.45
N ASP A 127 25.96 8.43 23.46
CA ASP A 127 26.41 7.03 23.48
C ASP A 127 25.82 6.25 22.31
N LEU A 128 24.55 6.51 22.03
CA LEU A 128 23.86 5.79 20.97
C LEU A 128 24.47 6.18 19.61
N LEU A 129 24.70 7.48 19.40
CA LEU A 129 25.27 7.95 18.14
C LEU A 129 26.61 7.28 17.90
N ARG A 130 27.41 7.20 18.94
CA ARG A 130 28.73 6.58 18.87
C ARG A 130 28.65 5.09 18.53
N PHE A 131 27.73 4.37 19.18
CA PHE A 131 27.45 2.98 18.87
C PHE A 131 27.13 2.73 17.37
N TYR A 132 26.21 3.49 16.81
CA TYR A 132 25.82 3.29 15.43
C TYR A 132 26.92 3.76 14.48
N GLN A 133 27.63 4.83 14.87
CA GLN A 133 28.74 5.31 14.02
C GLN A 133 29.85 4.27 13.91
N ASN A 134 30.11 3.57 15.01
CA ASN A 134 31.21 2.61 15.05
C ASN A 134 30.87 1.21 14.53
N TRP A 135 29.57 0.94 14.40
CA TRP A 135 29.11 -0.37 13.96
C TRP A 135 29.59 -0.68 12.56
N GLN A 136 30.16 -1.87 12.36
CA GLN A 136 30.64 -2.29 11.04
C GLN A 136 29.75 -3.39 10.46
N PRO A 137 29.02 -3.08 9.39
CA PRO A 137 28.17 -4.13 8.83
C PRO A 137 28.95 -5.30 8.28
N ALA A 138 28.41 -6.48 8.49
CA ALA A 138 28.93 -7.72 7.93
C ALA A 138 28.58 -7.80 6.44
N TRP A 139 27.42 -7.24 6.08
CA TRP A 139 26.86 -7.45 4.75
C TRP A 139 26.32 -6.17 4.17
N ALA A 140 26.17 -6.17 2.84
CA ALA A 140 25.52 -5.06 2.17
C ALA A 140 24.06 -4.97 2.58
N PRO A 141 23.49 -3.75 2.54
CA PRO A 141 22.07 -3.57 2.88
C PRO A 141 21.14 -4.39 1.99
N GLY A 142 20.06 -4.89 2.59
CA GLY A 142 19.06 -5.63 1.86
C GLY A 142 19.50 -6.97 1.32
N THR A 143 20.46 -7.63 1.98
CA THR A 143 20.87 -8.97 1.56
C THR A 143 20.63 -10.07 2.61
N GLN A 144 20.73 -9.72 3.89
CA GLN A 144 20.48 -10.73 4.92
C GLN A 144 19.66 -10.15 6.07
N ARG A 145 18.85 -11.01 6.67
CA ARG A 145 18.04 -10.64 7.84
C ARG A 145 18.73 -11.17 9.09
N LEU A 146 18.87 -10.28 10.08
CA LEU A 146 19.34 -10.66 11.40
C LEU A 146 18.45 -9.94 12.40
N TYR A 147 17.52 -10.69 13.01
CA TYR A 147 16.60 -10.11 13.98
C TYR A 147 17.36 -9.31 15.05
N ALA A 148 16.93 -8.07 15.27
CA ALA A 148 17.72 -7.16 16.09
C ALA A 148 16.95 -6.02 16.74
N ASN A 149 17.14 -5.85 18.05
CA ASN A 149 16.55 -4.71 18.75
C ASN A 149 17.13 -3.38 18.27
N SER A 150 18.42 -3.38 17.94
CA SER A 150 19.10 -2.14 17.56
C SER A 150 18.70 -1.68 16.17
N SER A 151 18.02 -2.56 15.44
CA SER A 151 17.55 -2.23 14.09
C SER A 151 16.16 -1.61 14.12
N ILE A 152 15.17 -2.39 14.55
CA ILE A 152 13.81 -1.85 14.61
C ILE A 152 13.66 -0.79 15.72
N GLY A 153 14.46 -0.89 16.77
CA GLY A 153 14.45 0.15 17.79
C GLY A 153 14.84 1.52 17.25
N LEU A 154 15.87 1.57 16.40
CA LEU A 154 16.28 2.83 15.80
C LEU A 154 15.21 3.32 14.82
N PHE A 155 14.62 2.37 14.08
CA PHE A 155 13.50 2.71 13.21
C PHE A 155 12.42 3.47 13.98
N GLY A 156 12.02 2.94 15.14
CA GLY A 156 10.96 3.54 15.90
C GLY A 156 11.35 4.92 16.38
N ALA A 157 12.58 5.04 16.85
CA ALA A 157 13.04 6.37 17.30
C ALA A 157 13.07 7.41 16.17
N LEU A 158 13.49 7.02 14.98
CA LEU A 158 13.57 7.99 13.90
C LEU A 158 12.20 8.31 13.32
N ALA A 159 11.32 7.30 13.29
CA ALA A 159 10.02 7.46 12.66
C ALA A 159 9.20 8.55 13.30
N VAL A 160 9.42 8.81 14.60
CA VAL A 160 8.59 9.81 15.27
C VAL A 160 9.25 11.20 15.25
N LYS A 161 10.43 11.33 14.65
CA LYS A 161 11.11 12.64 14.74
C LYS A 161 10.33 13.78 14.08
N PRO A 162 9.78 13.55 12.86
CA PRO A 162 9.07 14.68 12.25
C PRO A 162 7.88 15.15 13.06
N SER A 163 7.25 14.25 13.79
CA SER A 163 6.07 14.55 14.60
C SER A 163 6.36 15.57 15.70
N GLY A 164 7.62 15.64 16.13
CA GLY A 164 8.00 16.47 17.26
C GLY A 164 7.73 15.82 18.61
N LEU A 165 7.00 14.70 18.59
CA LEU A 165 6.59 14.03 19.82
C LEU A 165 7.65 13.05 20.29
N SER A 166 7.67 12.79 21.59
CA SER A 166 8.49 11.72 22.10
C SER A 166 7.87 10.43 21.57
N PHE A 167 8.66 9.37 21.53
CA PHE A 167 8.14 8.06 21.08
C PHE A 167 6.93 7.66 21.92
N GLU A 168 7.03 7.81 23.24
CA GLU A 168 5.93 7.45 24.12
C GLU A 168 4.68 8.29 23.84
N GLN A 169 4.83 9.61 23.78
CA GLN A 169 3.69 10.46 23.44
CA GLN A 169 3.69 10.46 23.44
C GLN A 169 3.08 10.13 22.09
N ALA A 170 3.92 9.82 21.10
CA ALA A 170 3.42 9.48 19.78
C ALA A 170 2.62 8.17 19.84
N MET A 171 3.17 7.17 20.53
CA MET A 171 2.48 5.90 20.66
C MET A 171 1.12 6.06 21.35
N GLN A 172 1.09 6.83 22.43
CA GLN A 172 -0.16 7.08 23.17
C GLN A 172 -1.21 7.77 22.34
N THR A 173 -0.84 8.88 21.74
CA THR A 173 -1.82 9.68 21.02
C THR A 173 -2.23 9.05 19.69
N ARG A 174 -1.31 8.34 19.04
CA ARG A 174 -1.61 7.87 17.68
C ARG A 174 -2.01 6.41 17.57
N VAL A 175 -1.70 5.59 18.58
CA VAL A 175 -2.06 4.17 18.52
C VAL A 175 -2.94 3.75 19.70
N PHE A 176 -2.44 3.95 20.92
CA PHE A 176 -3.14 3.44 22.10
C PHE A 176 -4.50 4.12 22.25
N GLN A 177 -4.51 5.44 22.31
CA GLN A 177 -5.76 6.18 22.53
C GLN A 177 -6.84 5.91 21.47
N PRO A 178 -6.52 6.04 20.16
CA PRO A 178 -7.55 5.76 19.15
C PRO A 178 -8.16 4.35 19.22
N LEU A 179 -7.36 3.37 19.62
CA LEU A 179 -7.81 1.98 19.67
C LEU A 179 -8.42 1.62 21.02
N LYS A 180 -8.43 2.59 21.93
CA LYS A 180 -8.99 2.41 23.30
C LYS A 180 -8.20 1.38 24.11
N LEU A 181 -6.88 1.39 23.92
CA LEU A 181 -6.00 0.54 24.69
C LEU A 181 -5.61 1.36 25.91
N ASN A 182 -6.51 1.42 26.88
CA ASN A 182 -6.38 2.34 28.00
C ASN A 182 -5.65 1.74 29.18
N HIS A 183 -5.20 0.49 29.04
CA HIS A 183 -4.41 -0.19 30.06
C HIS A 183 -3.18 -0.82 29.43
N THR A 184 -2.59 -0.05 28.52
CA THR A 184 -1.38 -0.40 27.78
C THR A 184 -0.37 0.72 27.97
N TRP A 185 0.83 0.36 28.39
CA TRP A 185 1.81 1.35 28.85
C TRP A 185 3.23 1.06 28.41
N ILE A 186 3.99 2.14 28.14
CA ILE A 186 5.43 2.01 27.97
C ILE A 186 6.07 2.14 29.36
N ASN A 187 5.53 3.05 30.17
CA ASN A 187 5.94 3.18 31.55
C ASN A 187 4.70 2.98 32.40
N VAL A 188 4.74 1.99 33.28
CA VAL A 188 3.58 1.67 34.13
C VAL A 188 3.38 2.77 35.18
N PRO A 189 2.22 3.44 35.16
CA PRO A 189 1.99 4.50 36.15
C PRO A 189 1.82 3.93 37.57
N PRO A 190 2.19 4.71 38.58
CA PRO A 190 1.98 4.24 39.96
C PRO A 190 0.57 3.74 40.23
N ALA A 191 -0.46 4.37 39.65
CA ALA A 191 -1.85 3.95 39.86
C ALA A 191 -2.09 2.52 39.39
N GLU A 192 -1.27 2.04 38.47
CA GLU A 192 -1.53 0.74 37.86
C GLU A 192 -0.59 -0.35 38.39
N GLU A 193 0.34 0.01 39.28
CA GLU A 193 1.31 -0.96 39.82
C GLU A 193 0.65 -2.18 40.47
N LYS A 194 -0.52 -1.98 41.09
CA LYS A 194 -1.26 -3.05 41.77
C LYS A 194 -1.53 -4.19 40.80
N ASN A 195 -1.52 -3.89 39.50
CA ASN A 195 -1.88 -4.87 38.48
C ASN A 195 -0.67 -5.42 37.68
N TYR A 196 0.51 -4.90 37.96
CA TYR A 196 1.73 -5.27 37.23
C TYR A 196 2.26 -6.59 37.79
N ALA A 197 2.08 -7.65 37.03
CA ALA A 197 2.61 -8.95 37.41
C ALA A 197 4.12 -8.89 37.59
N TRP A 198 4.64 -9.72 38.48
CA TRP A 198 6.08 -9.98 38.51
C TRP A 198 6.41 -11.02 37.47
N GLY A 199 7.56 -10.88 36.80
CA GLY A 199 8.07 -11.99 36.02
C GLY A 199 8.92 -12.91 36.88
N TYR A 200 9.15 -14.14 36.42
CA TYR A 200 9.91 -15.11 37.19
C TYR A 200 11.03 -15.74 36.35
N ARG A 201 12.25 -15.55 36.84
CA ARG A 201 13.43 -16.10 36.21
C ARG A 201 14.23 -16.84 37.27
N GLU A 202 14.41 -18.14 37.07
CA GLU A 202 15.09 -18.98 38.04
C GLU A 202 14.48 -18.79 39.43
N GLY A 203 13.15 -18.74 39.48
CA GLY A 203 12.44 -18.60 40.74
C GLY A 203 12.46 -17.21 41.38
N LYS A 204 13.18 -16.27 40.78
CA LYS A 204 13.25 -14.93 41.33
C LYS A 204 12.28 -13.97 40.63
N ALA A 205 11.59 -13.13 41.40
CA ALA A 205 10.68 -12.11 40.85
C ALA A 205 11.48 -10.98 40.22
N VAL A 206 11.20 -10.69 38.95
CA VAL A 206 11.95 -9.69 38.18
C VAL A 206 11.06 -8.85 37.28
N HIS A 207 11.44 -7.58 37.10
CA HIS A 207 10.86 -6.74 36.06
C HIS A 207 11.93 -6.27 35.10
N VAL A 208 11.52 -5.91 33.88
CA VAL A 208 12.51 -5.44 32.90
C VAL A 208 13.24 -4.19 33.39
N SER A 209 14.56 -4.12 33.13
CA SER A 209 15.33 -2.93 33.54
C SER A 209 15.41 -1.96 32.39
N PRO A 210 15.62 -0.65 32.70
CA PRO A 210 15.76 0.37 31.65
C PRO A 210 16.96 0.05 30.74
N GLY A 211 16.81 0.34 29.46
CA GLY A 211 17.91 0.21 28.52
C GLY A 211 17.66 1.05 27.28
N ALA A 212 18.72 1.29 26.51
CA ALA A 212 18.54 2.08 25.32
C ALA A 212 17.56 1.45 24.35
N LEU A 213 16.70 2.28 23.78
CA LEU A 213 15.68 1.86 22.82
C LEU A 213 14.74 0.80 23.37
N ASP A 214 14.60 0.75 24.69
CA ASP A 214 13.68 -0.21 25.28
C ASP A 214 12.21 -0.02 24.88
N ALA A 215 11.72 1.21 24.94
CA ALA A 215 10.33 1.49 24.60
C ALA A 215 10.03 1.01 23.17
N GLU A 216 10.99 1.27 22.27
CA GLU A 216 10.82 1.00 20.85
C GLU A 216 10.93 -0.49 20.49
N ALA A 217 11.73 -1.25 21.21
CA ALA A 217 12.00 -2.64 20.88
C ALA A 217 11.32 -3.69 21.75
N TYR A 218 11.11 -3.41 23.04
CA TYR A 218 10.60 -4.47 23.88
C TYR A 218 9.90 -4.01 25.14
N GLY A 219 9.49 -2.76 25.17
CA GLY A 219 9.09 -2.15 26.43
C GLY A 219 7.61 -1.97 26.75
N VAL A 220 6.71 -2.52 25.96
CA VAL A 220 5.27 -2.32 26.25
C VAL A 220 4.75 -3.36 27.27
N LYS A 221 3.88 -2.89 28.15
CA LYS A 221 3.16 -3.77 29.10
C LYS A 221 1.68 -3.62 28.83
N SER A 222 0.93 -4.72 28.91
CA SER A 222 -0.50 -4.66 28.54
C SER A 222 -1.30 -5.76 29.25
N THR A 223 -2.63 -5.61 29.22
CA THR A 223 -3.53 -6.60 29.80
C THR A 223 -4.03 -7.52 28.69
N ILE A 224 -4.64 -8.64 29.08
CA ILE A 224 -5.18 -9.57 28.11
C ILE A 224 -6.36 -8.94 27.32
N GLU A 225 -7.12 -8.04 27.97
CA GLU A 225 -8.21 -7.35 27.27
C GLU A 225 -7.69 -6.42 26.21
N ASP A 226 -6.69 -5.60 26.57
CA ASP A 226 -6.17 -4.69 25.56
C ASP A 226 -5.48 -5.44 24.42
N MET A 227 -4.84 -6.56 24.73
CA MET A 227 -4.17 -7.31 23.68
C MET A 227 -5.18 -7.98 22.77
N ALA A 228 -6.32 -8.41 23.31
CA ALA A 228 -7.39 -8.93 22.43
C ALA A 228 -7.89 -7.82 21.53
N ARG A 229 -7.97 -6.59 22.04
CA ARG A 229 -8.41 -5.46 21.25
C ARG A 229 -7.36 -5.15 20.17
N TRP A 230 -6.10 -5.30 20.52
CA TRP A 230 -5.02 -5.14 19.52
C TRP A 230 -5.16 -6.16 18.39
N VAL A 231 -5.41 -7.42 18.75
CA VAL A 231 -5.64 -8.44 17.73
C VAL A 231 -6.85 -8.11 16.84
N GLN A 232 -7.98 -7.71 17.45
CA GLN A 232 -9.16 -7.32 16.67
C GLN A 232 -8.84 -6.23 15.68
N SER A 233 -8.04 -5.26 16.13
CA SER A 233 -7.70 -4.11 15.30
C SER A 233 -6.86 -4.53 14.10
N ASN A 234 -5.95 -5.48 14.31
CA ASN A 234 -5.10 -5.98 13.25
C ASN A 234 -5.81 -6.98 12.34
N LEU A 235 -6.83 -7.66 12.86
CA LEU A 235 -7.65 -8.54 12.02
C LEU A 235 -8.52 -7.77 11.05
N LYS A 236 -9.03 -6.62 11.49
CA LYS A 236 -9.99 -5.84 10.73
C LYS A 236 -9.66 -4.35 10.74
N PRO A 237 -8.59 -3.97 10.04
CA PRO A 237 -8.16 -2.57 10.08
C PRO A 237 -9.20 -1.59 9.48
N LEU A 238 -10.12 -2.09 8.67
CA LEU A 238 -11.05 -1.18 8.00
C LEU A 238 -12.14 -0.65 8.93
N ASP A 239 -12.33 -1.33 10.05
CA ASP A 239 -13.27 -0.85 11.06
C ASP A 239 -12.70 0.32 11.86
N ILE A 240 -11.42 0.63 11.64
CA ILE A 240 -10.75 1.68 12.38
C ILE A 240 -11.05 3.05 11.75
N ASN A 241 -11.49 4.00 12.57
CA ASN A 241 -11.96 5.29 12.07
C ASN A 241 -10.85 6.24 11.62
N GLU A 242 -9.74 6.26 12.37
CA GLU A 242 -8.61 7.12 12.05
C GLU A 242 -7.93 6.60 10.80
N LYS A 243 -7.92 7.42 9.76
CA LYS A 243 -7.51 6.96 8.43
C LYS A 243 -6.05 6.52 8.37
N THR A 244 -5.14 7.32 8.94
CA THR A 244 -3.72 6.99 8.83
C THR A 244 -3.37 5.77 9.66
N LEU A 245 -4.12 5.54 10.73
CA LEU A 245 -3.88 4.37 11.57
C LEU A 245 -4.34 3.10 10.86
N GLN A 246 -5.50 3.16 10.22
CA GLN A 246 -6.01 2.06 9.43
C GLN A 246 -4.95 1.68 8.38
N GLN A 247 -4.39 2.69 7.73
CA GLN A 247 -3.36 2.52 6.73
CA GLN A 247 -3.38 2.43 6.71
C GLN A 247 -2.08 1.91 7.32
N GLY A 248 -1.69 2.45 8.48
CA GLY A 248 -0.48 2.01 9.16
C GLY A 248 -0.55 0.53 9.50
N ILE A 249 -1.69 0.07 10.01
CA ILE A 249 -1.89 -1.37 10.28
C ILE A 249 -1.71 -2.20 9.00
N GLN A 250 -2.31 -1.74 7.91
CA GLN A 250 -2.16 -2.42 6.66
C GLN A 250 -0.70 -2.48 6.21
N LEU A 251 0.03 -1.37 6.37
CA LEU A 251 1.43 -1.31 5.97
C LEU A 251 2.28 -2.29 6.79
N ALA A 252 1.93 -2.45 8.06
CA ALA A 252 2.73 -3.34 8.92
C ALA A 252 2.60 -4.82 8.55
N GLN A 253 1.50 -5.18 7.90
CA GLN A 253 1.25 -6.55 7.43
C GLN A 253 1.60 -6.81 5.97
N SER A 254 2.19 -5.81 5.33
CA SER A 254 2.71 -6.00 3.98
C SER A 254 3.93 -6.91 4.01
N ARG A 255 4.21 -7.60 2.93
CA ARG A 255 5.32 -8.56 2.88
C ARG A 255 6.50 -7.93 2.15
N TYR A 256 7.55 -7.63 2.90
CA TYR A 256 8.71 -6.87 2.36
C TYR A 256 9.87 -7.76 1.86
N TRP A 257 10.05 -8.87 2.55
CA TRP A 257 11.17 -9.82 2.33
C TRP A 257 10.67 -11.22 2.60
N GLN A 258 11.30 -12.17 1.93
CA GLN A 258 11.00 -13.58 2.18
C GLN A 258 12.26 -14.34 2.59
N THR A 259 12.16 -15.11 3.66
CA THR A 259 13.20 -16.09 3.99
CA THR A 259 13.19 -16.06 4.08
C THR A 259 12.52 -17.41 4.31
N GLY A 260 12.79 -18.40 3.46
CA GLY A 260 12.13 -19.68 3.62
C GLY A 260 10.64 -19.51 3.41
N ASP A 261 9.87 -19.94 4.40
CA ASP A 261 8.43 -19.88 4.34
CA ASP A 261 8.43 -19.88 4.34
C ASP A 261 7.87 -18.62 5.00
N MET A 262 8.75 -17.77 5.54
CA MET A 262 8.26 -16.61 6.28
CA MET A 262 8.32 -16.60 6.31
C MET A 262 8.49 -15.29 5.53
N TYR A 263 7.58 -14.36 5.77
CA TYR A 263 7.64 -13.03 5.19
C TYR A 263 7.74 -12.00 6.30
N GLN A 264 8.60 -11.02 6.12
CA GLN A 264 8.80 -10.00 7.13
C GLN A 264 7.95 -8.77 6.85
N GLY A 265 7.12 -8.41 7.83
CA GLY A 265 6.38 -7.15 7.82
C GLY A 265 7.08 -6.09 8.66
N LEU A 266 6.33 -5.10 9.16
CA LEU A 266 6.90 -4.12 10.09
C LEU A 266 6.47 -4.62 11.48
N GLY A 267 7.38 -5.29 12.17
CA GLY A 267 7.02 -5.88 13.47
C GLY A 267 6.42 -7.27 13.26
N TRP A 268 5.26 -7.30 12.63
CA TRP A 268 4.64 -8.59 12.36
C TRP A 268 5.48 -9.45 11.41
N GLU A 269 5.36 -10.77 11.58
CA GLU A 269 5.93 -11.77 10.66
C GLU A 269 4.76 -12.63 10.16
N MET A 270 4.85 -13.12 8.92
CA MET A 270 3.71 -13.80 8.31
C MET A 270 4.10 -15.04 7.57
N LEU A 271 3.24 -16.04 7.59
CA LEU A 271 3.35 -17.18 6.66
C LEU A 271 2.01 -17.38 5.95
N ASP A 272 2.05 -17.97 4.76
CA ASP A 272 0.82 -18.36 4.07
C ASP A 272 0.04 -19.38 4.89
N TRP A 273 -1.27 -19.17 4.98
CA TRP A 273 -2.18 -20.14 5.62
C TRP A 273 -2.87 -20.96 4.53
N PRO A 274 -2.98 -22.29 4.71
CA PRO A 274 -2.60 -23.08 5.89
C PRO A 274 -1.10 -23.28 6.01
N VAL A 275 -0.63 -23.23 7.25
CA VAL A 275 0.78 -23.34 7.53
C VAL A 275 1.07 -24.70 8.10
N ASN A 276 2.13 -25.31 7.61
CA ASN A 276 2.74 -26.43 8.31
C ASN A 276 3.19 -25.89 9.65
N PRO A 277 2.60 -26.40 10.74
CA PRO A 277 2.88 -25.99 12.13
C PRO A 277 4.36 -26.08 12.52
N ASP A 278 5.01 -27.19 12.16
CA ASP A 278 6.45 -27.35 12.38
C ASP A 278 7.24 -26.38 11.50
N SER A 279 6.58 -25.81 10.51
CA SER A 279 7.23 -24.81 9.69
C SER A 279 7.24 -23.45 10.39
N ILE A 280 6.25 -23.21 11.26
CA ILE A 280 6.19 -21.96 12.01
C ILE A 280 7.31 -21.88 13.07
N ILE A 288 18.26 -20.44 19.43
CA ILE A 288 19.32 -19.80 18.64
C ILE A 288 19.52 -18.34 19.00
N ALA A 289 20.72 -18.01 19.45
CA ALA A 289 21.07 -16.65 19.87
C ALA A 289 21.17 -15.66 18.70
N LEU A 290 21.65 -16.12 17.55
CA LEU A 290 21.92 -15.29 16.36
C LEU A 290 21.65 -16.17 15.14
N ALA A 291 20.80 -15.72 14.22
CA ALA A 291 20.40 -16.54 13.06
C ALA A 291 20.35 -15.69 11.81
N ALA A 292 21.46 -15.70 11.09
CA ALA A 292 21.61 -14.91 9.87
C ALA A 292 21.02 -15.67 8.69
N ARG A 293 20.11 -15.05 7.94
CA ARG A 293 19.50 -15.71 6.80
C ARG A 293 19.43 -14.79 5.58
N PRO A 294 19.79 -15.31 4.40
CA PRO A 294 19.62 -14.50 3.19
C PRO A 294 18.15 -14.18 2.95
N VAL A 295 17.85 -12.98 2.45
CA VAL A 295 16.47 -12.59 2.15
C VAL A 295 16.30 -12.31 0.67
N LYS A 296 15.10 -12.57 0.19
CA LYS A 296 14.74 -12.20 -1.17
C LYS A 296 13.81 -11.00 -1.03
N ALA A 297 14.11 -9.92 -1.75
CA ALA A 297 13.22 -8.76 -1.76
C ALA A 297 11.91 -9.05 -2.48
N ILE A 298 10.83 -8.56 -1.90
CA ILE A 298 9.53 -8.65 -2.53
CA ILE A 298 9.52 -8.65 -2.52
C ILE A 298 9.27 -7.28 -3.15
N THR A 299 9.36 -7.25 -4.48
CA THR A 299 9.47 -6.01 -5.24
C THR A 299 8.32 -5.88 -6.22
N PRO A 300 7.31 -5.08 -5.86
CA PRO A 300 7.15 -4.32 -4.62
C PRO A 300 6.49 -5.16 -3.53
N PRO A 301 6.46 -4.65 -2.29
CA PRO A 301 5.84 -5.45 -1.22
C PRO A 301 4.40 -5.84 -1.50
N THR A 302 4.05 -7.06 -1.11
CA THR A 302 2.70 -7.58 -1.26
C THR A 302 1.79 -7.01 -0.19
N PRO A 303 0.66 -6.40 -0.58
CA PRO A 303 -0.18 -5.85 0.48
C PRO A 303 -0.72 -6.96 1.37
N ALA A 304 -1.08 -6.60 2.61
CA ALA A 304 -1.57 -7.58 3.57
C ALA A 304 -2.42 -8.70 2.94
N VAL A 305 -1.93 -9.92 3.05
CA VAL A 305 -2.65 -11.10 2.58
C VAL A 305 -3.57 -11.69 3.66
N ARG A 306 -4.86 -11.75 3.39
CA ARG A 306 -5.82 -12.25 4.40
C ARG A 306 -5.62 -13.70 4.81
N ALA A 307 -5.21 -14.55 3.87
CA ALA A 307 -4.93 -15.95 4.16
C ALA A 307 -3.51 -16.15 4.70
N SER A 308 -3.24 -15.56 5.87
CA SER A 308 -1.90 -15.60 6.46
C SER A 308 -2.04 -16.03 7.90
N TRP A 309 -1.01 -16.69 8.41
CA TRP A 309 -0.77 -16.81 9.85
C TRP A 309 0.15 -15.62 10.17
N VAL A 310 -0.37 -14.65 10.92
CA VAL A 310 0.38 -13.44 11.23
C VAL A 310 0.73 -13.54 12.70
N HIS A 311 2.00 -13.38 13.05
CA HIS A 311 2.35 -13.64 14.46
C HIS A 311 3.58 -12.87 14.93
N LYS A 312 3.80 -12.90 16.24
CA LYS A 312 5.02 -12.39 16.83
C LYS A 312 5.20 -12.99 18.24
N THR A 313 6.42 -13.43 18.52
CA THR A 313 6.80 -13.91 19.85
C THR A 313 7.45 -12.76 20.63
N GLY A 314 7.38 -12.82 21.95
CA GLY A 314 8.04 -11.79 22.73
C GLY A 314 8.57 -12.36 24.02
N ALA A 315 9.70 -11.81 24.50
CA ALA A 315 10.24 -12.21 25.80
C ALA A 315 10.96 -11.09 26.49
N THR A 316 10.94 -11.13 27.81
CA THR A 316 11.88 -10.37 28.62
C THR A 316 12.48 -11.41 29.57
N GLY A 317 13.32 -10.99 30.50
CA GLY A 317 13.93 -11.95 31.39
C GLY A 317 12.89 -12.80 32.13
N GLY A 318 11.75 -12.19 32.44
CA GLY A 318 10.76 -12.80 33.31
C GLY A 318 9.42 -13.14 32.66
N PHE A 319 9.26 -12.83 31.37
CA PHE A 319 7.96 -12.96 30.70
C PHE A 319 8.08 -13.58 29.31
N GLY A 320 7.02 -14.27 28.90
CA GLY A 320 6.94 -14.88 27.57
C GLY A 320 5.57 -14.64 26.99
N SER A 321 5.52 -14.03 25.80
CA SER A 321 4.27 -13.62 25.16
C SER A 321 4.18 -14.18 23.74
N TYR A 322 2.94 -14.35 23.25
CA TYR A 322 2.76 -14.76 21.86
C TYR A 322 1.43 -14.26 21.34
N VAL A 323 1.45 -13.80 20.11
CA VAL A 323 0.20 -13.39 19.45
C VAL A 323 0.18 -13.97 18.04
N ALA A 324 -0.94 -14.56 17.63
CA ALA A 324 -1.09 -15.07 16.27
C ALA A 324 -2.53 -14.87 15.82
N PHE A 325 -2.72 -14.55 14.55
CA PHE A 325 -4.08 -14.38 14.03
C PHE A 325 -4.12 -14.71 12.55
N ILE A 326 -5.33 -15.04 12.07
CA ILE A 326 -5.54 -15.41 10.68
C ILE A 326 -6.68 -14.54 10.16
N PRO A 327 -6.36 -13.49 9.37
CA PRO A 327 -7.39 -12.54 8.96
C PRO A 327 -8.57 -13.19 8.22
N GLU A 328 -8.30 -14.16 7.36
CA GLU A 328 -9.40 -14.69 6.55
C GLU A 328 -10.40 -15.49 7.37
N LYS A 329 -10.00 -15.91 8.57
CA LYS A 329 -10.89 -16.70 9.45
C LYS A 329 -11.43 -15.87 10.61
N GLU A 330 -11.05 -14.60 10.70
CA GLU A 330 -11.47 -13.73 11.80
C GLU A 330 -11.14 -14.38 13.15
N LEU A 331 -9.98 -15.01 13.21
CA LEU A 331 -9.57 -15.87 14.32
C LEU A 331 -8.21 -15.42 14.86
N GLY A 332 -8.03 -15.43 16.18
CA GLY A 332 -6.72 -15.07 16.72
C GLY A 332 -6.56 -15.48 18.15
N ILE A 333 -5.33 -15.38 18.66
CA ILE A 333 -5.03 -15.79 20.04
C ILE A 333 -3.93 -14.90 20.62
N VAL A 334 -4.04 -14.62 21.92
CA VAL A 334 -2.98 -13.98 22.68
C VAL A 334 -2.66 -14.87 23.87
N MET A 335 -1.38 -15.15 24.09
CA MET A 335 -0.94 -15.91 25.25
C MET A 335 0.09 -15.07 26.02
N LEU A 336 -0.23 -14.67 27.26
CA LEU A 336 0.69 -13.88 28.09
C LEU A 336 1.09 -14.68 29.32
N ALA A 337 2.39 -14.83 29.59
CA ALA A 337 2.86 -15.62 30.74
C ALA A 337 3.94 -14.87 31.47
N ASN A 338 4.01 -15.04 32.79
CA ASN A 338 5.10 -14.46 33.58
C ASN A 338 6.24 -15.42 33.84
N LYS A 339 6.59 -16.17 32.79
CA LYS A 339 7.85 -16.90 32.69
C LYS A 339 8.22 -16.94 31.20
N ASN A 340 9.51 -16.81 30.92
CA ASN A 340 10.02 -16.87 29.55
C ASN A 340 10.31 -18.33 29.17
N TYR A 341 9.31 -19.00 28.62
CA TYR A 341 9.40 -20.45 28.34
C TYR A 341 9.56 -20.62 26.82
N PRO A 342 10.00 -21.81 26.36
CA PRO A 342 10.43 -21.90 24.95
C PRO A 342 9.40 -21.55 23.88
N ASN A 343 9.84 -20.81 22.85
CA ASN A 343 8.97 -20.44 21.74
C ASN A 343 8.20 -21.59 21.09
N PRO A 344 8.87 -22.73 20.83
CA PRO A 344 8.15 -23.81 20.14
C PRO A 344 6.91 -24.24 20.91
N ALA A 345 6.96 -24.21 22.23
CA ALA A 345 5.82 -24.59 23.04
C ALA A 345 4.66 -23.60 22.89
N ARG A 346 4.99 -22.30 22.72
CA ARG A 346 3.95 -21.31 22.49
C ARG A 346 3.26 -21.56 21.16
N VAL A 347 4.06 -21.79 20.11
CA VAL A 347 3.52 -21.94 18.76
C VAL A 347 2.70 -23.22 18.69
N ASP A 348 3.20 -24.29 19.29
CA ASP A 348 2.48 -25.57 19.32
C ASP A 348 1.07 -25.37 19.91
N ALA A 349 1.01 -24.68 21.05
CA ALA A 349 -0.25 -24.49 21.74
C ALA A 349 -1.21 -23.59 20.95
N ALA A 350 -0.70 -22.47 20.44
CA ALA A 350 -1.50 -21.60 19.61
C ALA A 350 -2.08 -22.31 18.39
N TRP A 351 -1.25 -23.08 17.69
CA TRP A 351 -1.73 -23.82 16.51
C TRP A 351 -2.78 -24.85 16.88
N GLN A 352 -2.55 -25.57 17.97
CA GLN A 352 -3.51 -26.58 18.41
CA GLN A 352 -3.51 -26.56 18.45
C GLN A 352 -4.87 -25.92 18.65
N ILE A 353 -4.88 -24.73 19.27
CA ILE A 353 -6.15 -24.04 19.53
C ILE A 353 -6.80 -23.45 18.26
N LEU A 354 -6.03 -22.73 17.44
CA LEU A 354 -6.62 -22.13 16.26
C LEU A 354 -7.01 -23.18 15.21
N ASN A 355 -6.18 -24.21 15.07
CA ASN A 355 -6.53 -25.24 14.07
C ASN A 355 -7.88 -25.87 14.39
N ALA A 356 -8.13 -26.10 15.68
CA ALA A 356 -9.36 -26.71 16.14
C ALA A 356 -10.58 -25.84 15.85
N LEU A 357 -10.39 -24.53 15.88
CA LEU A 357 -11.52 -23.60 15.79
C LEU A 357 -11.77 -23.16 14.36
N GLN A 358 -10.81 -23.45 13.49
CA GLN A 358 -10.85 -22.93 12.13
C GLN A 358 -11.63 -23.86 11.20
N ALA B 1 -23.04 27.01 -10.92
CA ALA B 1 -21.72 26.96 -10.33
C ALA B 1 -21.43 28.31 -9.69
N PRO B 2 -20.59 28.33 -8.65
CA PRO B 2 -20.14 29.61 -8.08
C PRO B 2 -19.49 30.46 -9.16
N GLN B 3 -19.62 31.77 -8.98
CA GLN B 3 -19.15 32.72 -9.98
C GLN B 3 -17.65 32.56 -10.29
N GLN B 4 -16.83 32.25 -9.29
CA GLN B 4 -15.39 32.17 -9.55
C GLN B 4 -15.04 30.99 -10.45
N ILE B 5 -15.82 29.90 -10.35
CA ILE B 5 -15.62 28.74 -11.21
C ILE B 5 -16.08 29.04 -12.65
N ASN B 6 -17.29 29.56 -12.81
CA ASN B 6 -17.75 29.97 -14.12
C ASN B 6 -16.79 30.96 -14.79
N ASP B 7 -16.29 31.94 -14.03
CA ASP B 7 -15.40 32.95 -14.57
C ASP B 7 -14.12 32.35 -15.15
N ILE B 8 -13.41 31.54 -14.36
CA ILE B 8 -12.12 31.04 -14.81
C ILE B 8 -12.30 29.99 -15.90
N VAL B 9 -13.34 29.17 -15.79
CA VAL B 9 -13.61 28.24 -16.88
C VAL B 9 -13.92 28.94 -18.21
N HIS B 10 -14.80 29.94 -18.18
CA HIS B 10 -15.18 30.62 -19.40
C HIS B 10 -14.00 31.39 -19.99
N ARG B 11 -13.17 31.98 -19.12
CA ARG B 11 -12.00 32.72 -19.56
CA ARG B 11 -12.01 32.73 -19.59
C ARG B 11 -10.91 31.83 -20.12
N THR B 12 -10.91 30.54 -19.72
CA THR B 12 -9.82 29.64 -20.09
C THR B 12 -10.20 28.63 -21.19
N ILE B 13 -11.29 27.90 -20.98
CA ILE B 13 -11.71 26.88 -21.93
C ILE B 13 -12.34 27.49 -23.19
N THR B 14 -13.19 28.50 -23.01
CA THR B 14 -13.91 29.00 -24.18
C THR B 14 -12.94 29.49 -25.28
N PRO B 15 -11.92 30.29 -24.91
CA PRO B 15 -10.91 30.66 -25.90
C PRO B 15 -10.05 29.52 -26.42
N LEU B 16 -9.75 28.53 -25.58
CA LEU B 16 -9.02 27.34 -26.01
C LEU B 16 -9.74 26.66 -27.18
N ILE B 17 -11.06 26.54 -27.06
CA ILE B 17 -11.89 25.93 -28.09
C ILE B 17 -11.79 26.71 -29.40
N GLU B 18 -11.80 28.04 -29.29
CA GLU B 18 -11.67 28.86 -30.50
C GLU B 18 -10.27 28.71 -31.12
N GLN B 19 -9.23 28.69 -30.29
CA GLN B 19 -7.86 28.59 -30.77
C GLN B 19 -7.56 27.25 -31.46
N GLN B 20 -8.14 26.17 -30.93
CA GLN B 20 -7.83 24.82 -31.36
C GLN B 20 -8.86 24.30 -32.34
N LYS B 21 -9.88 25.11 -32.58
CA LYS B 21 -11.01 24.74 -33.42
C LYS B 21 -11.66 23.41 -33.02
N ILE B 22 -11.92 23.27 -31.74
CA ILE B 22 -12.55 22.08 -31.19
C ILE B 22 -14.05 22.08 -31.44
N PRO B 23 -14.59 21.01 -32.08
CA PRO B 23 -16.03 21.01 -32.39
C PRO B 23 -16.95 20.93 -31.19
N GLY B 24 -16.62 20.09 -30.22
CA GLY B 24 -17.44 19.94 -29.03
C GLY B 24 -16.56 19.61 -27.84
N MET B 25 -16.99 20.05 -26.67
CA MET B 25 -16.20 19.87 -25.45
C MET B 25 -17.10 19.82 -24.23
N ALA B 26 -16.70 18.97 -23.27
CA ALA B 26 -17.40 18.92 -22.02
C ALA B 26 -16.32 19.01 -20.96
N VAL B 27 -16.57 19.79 -19.91
CA VAL B 27 -15.60 19.92 -18.82
C VAL B 27 -16.33 19.71 -17.50
N ALA B 28 -15.68 19.05 -16.54
CA ALA B 28 -16.20 18.99 -15.17
C ALA B 28 -15.14 19.56 -14.27
N VAL B 29 -15.56 20.38 -13.31
CA VAL B 29 -14.66 20.85 -12.26
C VAL B 29 -15.19 20.33 -10.96
N ILE B 30 -14.32 19.66 -10.21
CA ILE B 30 -14.68 19.21 -8.87
CA ILE B 30 -14.67 19.19 -8.86
C ILE B 30 -14.09 20.19 -7.87
N TYR B 31 -14.95 20.82 -7.06
CA TYR B 31 -14.53 21.89 -6.16
C TYR B 31 -15.13 21.62 -4.80
N GLN B 32 -14.27 21.51 -3.79
CA GLN B 32 -14.72 21.11 -2.46
C GLN B 32 -15.55 19.84 -2.56
N GLY B 33 -15.12 18.95 -3.44
CA GLY B 33 -15.76 17.65 -3.60
C GLY B 33 -16.99 17.55 -4.47
N LYS B 34 -17.56 18.68 -4.88
CA LYS B 34 -18.80 18.72 -5.67
C LYS B 34 -18.50 19.00 -7.15
N PRO B 35 -19.21 18.33 -8.06
CA PRO B 35 -18.98 18.53 -9.50
C PRO B 35 -19.83 19.64 -10.12
N TYR B 36 -19.21 20.32 -11.07
CA TYR B 36 -19.83 21.39 -11.85
C TYR B 36 -19.52 21.11 -13.31
N TYR B 37 -20.50 21.34 -14.18
CA TYR B 37 -20.40 20.90 -15.56
C TYR B 37 -20.51 22.04 -16.54
N PHE B 38 -19.79 21.92 -17.66
CA PHE B 38 -19.69 22.94 -18.69
C PHE B 38 -19.67 22.25 -20.04
N THR B 39 -20.47 22.76 -21.00
CA THR B 39 -20.51 22.15 -22.32
C THR B 39 -20.46 23.19 -23.42
N TRP B 40 -19.89 22.81 -24.55
CA TRP B 40 -19.79 23.69 -25.73
C TRP B 40 -19.98 22.83 -26.97
N GLY B 41 -20.64 23.39 -27.98
CA GLY B 41 -20.52 22.82 -29.31
C GLY B 41 -21.28 21.54 -29.58
N TYR B 42 -20.78 20.78 -30.55
CA TYR B 42 -21.48 19.62 -31.08
C TYR B 42 -20.74 18.29 -30.90
N ALA B 43 -21.48 17.27 -30.51
CA ALA B 43 -21.01 15.87 -30.53
C ALA B 43 -20.92 15.35 -31.96
N ASP B 44 -21.86 15.79 -32.81
CA ASP B 44 -21.96 15.37 -34.20
C ASP B 44 -22.33 16.63 -34.99
N ILE B 45 -21.39 17.08 -35.80
CA ILE B 45 -21.49 18.36 -36.50
C ILE B 45 -22.56 18.34 -37.58
N ALA B 46 -22.58 17.25 -38.35
CA ALA B 46 -23.56 17.06 -39.41
C ALA B 46 -24.99 17.05 -38.88
N LYS B 47 -25.24 16.27 -37.84
CA LYS B 47 -26.57 16.21 -37.22
C LYS B 47 -26.86 17.40 -36.30
N LYS B 48 -25.88 18.27 -36.10
CA LYS B 48 -25.96 19.36 -35.13
C LYS B 48 -26.50 18.87 -33.78
N GLN B 49 -25.96 17.75 -33.32
CA GLN B 49 -26.32 17.22 -32.02
C GLN B 49 -25.39 17.86 -31.00
N PRO B 50 -25.97 18.54 -30.00
CA PRO B 50 -25.14 19.24 -29.01
C PRO B 50 -24.41 18.26 -28.09
N VAL B 51 -23.29 18.71 -27.55
CA VAL B 51 -22.64 17.99 -26.46
C VAL B 51 -23.56 18.20 -25.26
N THR B 52 -23.81 17.12 -24.52
CA THR B 52 -24.59 17.19 -23.30
C THR B 52 -23.86 16.43 -22.22
N GLN B 53 -24.45 16.41 -21.02
CA GLN B 53 -23.91 15.60 -19.90
C GLN B 53 -24.00 14.10 -20.20
N GLN B 54 -24.75 13.72 -21.24
CA GLN B 54 -24.90 12.31 -21.62
C GLN B 54 -24.00 11.87 -22.78
N THR B 55 -23.22 12.79 -23.35
CA THR B 55 -22.39 12.49 -24.51
C THR B 55 -21.19 11.61 -24.14
N LEU B 56 -20.99 10.51 -24.86
CA LEU B 56 -19.81 9.68 -24.63
C LEU B 56 -18.67 10.15 -25.49
N PHE B 57 -17.49 10.28 -24.88
CA PHE B 57 -16.27 10.62 -25.58
C PHE B 57 -15.26 9.47 -25.46
N GLU B 58 -14.39 9.29 -26.46
CA GLU B 58 -13.24 8.36 -26.35
C GLU B 58 -12.20 8.93 -25.42
N LEU B 59 -11.88 8.19 -24.37
CA LEU B 59 -10.90 8.67 -23.38
C LEU B 59 -9.47 8.48 -23.81
N GLY B 60 -9.23 7.60 -24.80
CA GLY B 60 -7.86 7.30 -25.20
C GLY B 60 -7.09 6.78 -23.99
N SER B 61 -5.85 7.24 -23.79
CA SER B 61 -5.01 6.72 -22.69
C SER B 61 -5.44 7.07 -21.27
N VAL B 62 -6.44 7.92 -21.12
CA VAL B 62 -7.05 8.06 -19.78
C VAL B 62 -7.61 6.69 -19.35
N SER B 63 -7.87 5.82 -20.32
CA SER B 63 -8.28 4.43 -20.02
C SER B 63 -7.25 3.71 -19.16
N LYS B 64 -5.97 4.08 -19.33
CA LYS B 64 -4.92 3.43 -18.53
C LYS B 64 -5.15 3.61 -17.03
N THR B 65 -5.87 4.67 -16.63
CA THR B 65 -6.13 4.86 -15.18
C THR B 65 -7.13 3.83 -14.68
N PHE B 66 -8.08 3.46 -15.54
CA PHE B 66 -9.02 2.37 -15.23
C PHE B 66 -8.30 1.03 -15.17
N THR B 67 -7.39 0.80 -16.11
CA THR B 67 -6.64 -0.45 -16.13
C THR B 67 -5.76 -0.53 -14.87
N GLY B 68 -5.16 0.60 -14.46
CA GLY B 68 -4.29 0.54 -13.29
C GLY B 68 -5.10 0.23 -12.03
N VAL B 69 -6.25 0.85 -11.90
CA VAL B 69 -7.14 0.64 -10.73
C VAL B 69 -7.71 -0.79 -10.73
N LEU B 70 -8.04 -1.33 -11.90
CA LEU B 70 -8.51 -2.72 -11.99
C LEU B 70 -7.40 -3.67 -11.56
N GLY B 71 -6.16 -3.37 -11.97
CA GLY B 71 -5.04 -4.18 -11.53
C GLY B 71 -4.86 -4.05 -10.02
N GLY B 72 -5.01 -2.84 -9.50
CA GLY B 72 -4.89 -2.61 -8.07
C GLY B 72 -5.93 -3.42 -7.32
N ASP B 73 -7.14 -3.46 -7.86
CA ASP B 73 -8.21 -4.22 -7.19
C ASP B 73 -7.89 -5.72 -7.19
N ALA B 74 -7.28 -6.22 -8.27
CA ALA B 74 -6.89 -7.63 -8.35
C ALA B 74 -5.77 -7.96 -7.36
N ILE B 75 -4.88 -7.00 -7.11
CA ILE B 75 -3.83 -7.22 -6.11
C ILE B 75 -4.49 -7.29 -4.73
N ALA B 76 -5.39 -6.34 -4.46
CA ALA B 76 -6.12 -6.31 -3.18
C ALA B 76 -6.90 -7.59 -2.93
N ARG B 77 -7.42 -8.18 -4.00
CA ARG B 77 -8.18 -9.44 -3.94
C ARG B 77 -7.29 -10.66 -3.71
N GLY B 78 -5.98 -10.45 -3.75
CA GLY B 78 -5.00 -11.52 -3.64
C GLY B 78 -4.92 -12.42 -4.86
N GLU B 79 -5.41 -11.95 -6.01
CA GLU B 79 -5.36 -12.71 -7.26
C GLU B 79 -4.03 -12.61 -8.00
N ILE B 80 -3.39 -11.45 -7.87
CA ILE B 80 -2.08 -11.22 -8.51
C ILE B 80 -1.18 -10.45 -7.54
N LYS B 81 0.13 -10.54 -7.78
CA LYS B 81 1.13 -9.69 -7.12
C LYS B 81 1.97 -9.01 -8.20
N LEU B 82 2.34 -7.75 -7.95
CA LEU B 82 3.13 -7.01 -8.93
C LEU B 82 4.54 -7.59 -8.97
N SER B 83 4.92 -8.30 -7.92
CA SER B 83 6.24 -8.95 -7.87
C SER B 83 6.34 -10.24 -8.66
N ASP B 84 5.21 -10.71 -9.18
CA ASP B 84 5.21 -11.99 -9.88
C ASP B 84 5.71 -11.85 -11.30
N PRO B 85 6.47 -12.85 -11.75
CA PRO B 85 6.90 -12.93 -13.15
C PRO B 85 5.73 -12.93 -14.10
N THR B 86 5.93 -12.31 -15.26
CA THR B 86 4.91 -12.23 -16.29
C THR B 86 4.46 -13.64 -16.66
N THR B 87 5.42 -14.56 -16.71
CA THR B 87 5.15 -15.94 -17.13
C THR B 87 4.21 -16.70 -16.18
N LYS B 88 4.09 -16.25 -14.92
CA LYS B 88 3.17 -16.91 -13.98
C LYS B 88 1.74 -16.90 -14.52
N TYR B 89 1.40 -15.84 -15.22
CA TYR B 89 0.05 -15.61 -15.70
C TYR B 89 -0.05 -15.81 -17.22
N TRP B 90 1.10 -16.04 -17.86
CA TRP B 90 1.12 -16.40 -19.29
C TRP B 90 2.14 -17.50 -19.44
N PRO B 91 1.76 -18.72 -19.05
CA PRO B 91 2.77 -19.79 -19.01
C PRO B 91 3.41 -20.05 -20.39
N GLU B 92 2.70 -19.77 -21.49
CA GLU B 92 3.25 -19.95 -22.84
C GLU B 92 4.36 -18.96 -23.23
N LEU B 93 4.53 -17.91 -22.45
CA LEU B 93 5.57 -16.92 -22.72
C LEU B 93 6.88 -17.38 -22.07
N THR B 94 7.57 -18.28 -22.78
CA THR B 94 8.73 -18.97 -22.21
C THR B 94 10.11 -18.47 -22.64
N ALA B 95 10.17 -17.53 -23.58
CA ALA B 95 11.46 -17.09 -24.09
C ALA B 95 12.28 -16.44 -22.98
N LYS B 96 13.61 -16.63 -23.04
CA LYS B 96 14.48 -16.33 -21.91
C LYS B 96 14.53 -14.85 -21.53
N GLN B 97 14.24 -13.96 -22.47
CA GLN B 97 14.37 -12.52 -22.19
C GLN B 97 13.26 -12.06 -21.24
N TRP B 98 12.28 -12.93 -21.01
CA TRP B 98 11.21 -12.61 -20.08
C TRP B 98 11.52 -12.96 -18.63
N ASN B 99 12.60 -13.68 -18.42
CA ASN B 99 13.02 -13.94 -17.04
C ASN B 99 13.44 -12.63 -16.38
N GLY B 100 12.77 -12.28 -15.30
CA GLY B 100 13.07 -11.05 -14.61
C GLY B 100 12.08 -9.93 -14.91
N ILE B 101 11.19 -10.13 -15.88
CA ILE B 101 10.19 -9.10 -16.21
C ILE B 101 8.91 -9.42 -15.46
N THR B 102 8.54 -8.54 -14.54
CA THR B 102 7.42 -8.79 -13.63
C THR B 102 6.20 -7.97 -14.03
N LEU B 103 5.07 -8.23 -13.39
CA LEU B 103 3.87 -7.44 -13.67
C LEU B 103 4.09 -5.95 -13.36
N LEU B 104 4.88 -5.65 -12.33
CA LEU B 104 5.20 -4.26 -12.03
C LEU B 104 5.84 -3.59 -13.28
N HIS B 105 6.79 -4.29 -13.90
CA HIS B 105 7.47 -3.70 -15.09
C HIS B 105 6.47 -3.44 -16.21
N LEU B 106 5.57 -4.39 -16.46
CA LEU B 106 4.54 -4.13 -17.48
C LEU B 106 3.66 -2.95 -17.14
N ALA B 107 3.15 -2.91 -15.90
CA ALA B 107 2.25 -1.85 -15.50
C ALA B 107 2.82 -0.43 -15.60
N THR B 108 4.14 -0.31 -15.41
CA THR B 108 4.79 0.99 -15.23
C THR B 108 5.75 1.32 -16.39
N TYR B 109 5.69 0.53 -17.45
CA TYR B 109 6.46 0.79 -18.71
C TYR B 109 7.94 0.62 -18.51
N THR B 110 8.33 -0.23 -17.57
CA THR B 110 9.75 -0.43 -17.23
C THR B 110 10.31 -1.81 -17.56
N ALA B 111 9.66 -2.55 -18.46
CA ALA B 111 10.11 -3.89 -18.82
C ALA B 111 11.39 -3.89 -19.64
N GLY B 112 11.73 -2.74 -20.22
CA GLY B 112 12.95 -2.63 -20.99
C GLY B 112 12.77 -2.31 -22.45
N GLY B 113 11.78 -1.48 -22.76
CA GLY B 113 11.64 -1.09 -24.14
C GLY B 113 10.56 -1.75 -24.97
N LEU B 114 9.51 -2.27 -24.33
CA LEU B 114 8.33 -2.67 -25.08
C LEU B 114 7.83 -1.47 -25.90
N PRO B 115 7.40 -1.70 -27.14
CA PRO B 115 7.15 -0.53 -28.01
C PRO B 115 5.86 0.21 -27.75
N LEU B 116 5.87 1.49 -28.14
CA LEU B 116 4.68 2.35 -27.97
C LEU B 116 3.42 1.66 -28.48
N GLN B 117 3.47 1.12 -29.70
CA GLN B 117 2.34 0.43 -30.27
C GLN B 117 2.65 -1.04 -30.48
N VAL B 118 1.63 -1.88 -30.33
CA VAL B 118 1.73 -3.22 -30.89
C VAL B 118 1.62 -3.03 -32.41
N PRO B 119 2.48 -3.71 -33.19
CA PRO B 119 2.36 -3.58 -34.66
C PRO B 119 0.93 -3.84 -35.18
N ASP B 120 0.50 -3.08 -36.20
CA ASP B 120 -0.89 -3.12 -36.64
C ASP B 120 -1.33 -4.49 -37.16
N GLU B 121 -0.38 -5.25 -37.68
CA GLU B 121 -0.73 -6.53 -38.27
C GLU B 121 -1.03 -7.58 -37.21
N VAL B 122 -0.68 -7.29 -35.96
CA VAL B 122 -0.93 -8.23 -34.87
C VAL B 122 -2.41 -8.15 -34.48
N LYS B 123 -3.12 -9.25 -34.64
CA LYS B 123 -4.54 -9.27 -34.30
C LYS B 123 -4.86 -10.36 -33.27
N SER B 124 -4.49 -11.60 -33.61
CA SER B 124 -4.98 -12.78 -32.90
C SER B 124 -4.20 -13.06 -31.65
N SER B 125 -4.72 -13.95 -30.82
CA SER B 125 -3.97 -14.37 -29.64
C SER B 125 -2.66 -14.98 -30.09
N SER B 126 -2.68 -15.70 -31.21
CA SER B 126 -1.49 -16.35 -31.75
C SER B 126 -0.46 -15.31 -32.20
N ASP B 127 -0.94 -14.25 -32.86
CA ASP B 127 -0.06 -13.16 -33.32
C ASP B 127 0.58 -12.48 -32.11
N LEU B 128 -0.20 -12.28 -31.06
CA LEU B 128 0.29 -11.60 -29.89
CA LEU B 128 0.32 -11.59 -29.88
C LEU B 128 1.38 -12.40 -29.17
N LEU B 129 1.16 -13.71 -29.03
CA LEU B 129 2.16 -14.52 -28.38
C LEU B 129 3.46 -14.44 -29.19
N ARG B 130 3.36 -14.55 -30.51
CA ARG B 130 4.54 -14.52 -31.38
C ARG B 130 5.30 -13.19 -31.20
N PHE B 131 4.55 -12.09 -31.18
CA PHE B 131 5.17 -10.75 -31.01
C PHE B 131 5.97 -10.66 -29.72
N TYR B 132 5.35 -11.04 -28.60
CA TYR B 132 6.08 -10.96 -27.33
C TYR B 132 7.22 -11.97 -27.19
N GLN B 133 7.04 -13.20 -27.70
CA GLN B 133 8.12 -14.20 -27.68
C GLN B 133 9.35 -13.76 -28.49
N ASN B 134 9.10 -12.96 -29.52
CA ASN B 134 10.16 -12.47 -30.42
C ASN B 134 10.75 -11.12 -30.02
N TRP B 135 10.07 -10.40 -29.14
CA TRP B 135 10.56 -9.09 -28.72
C TRP B 135 11.88 -9.18 -27.96
N GLN B 136 12.84 -8.31 -28.32
CA GLN B 136 14.14 -8.30 -27.68
C GLN B 136 14.31 -6.93 -27.00
N PRO B 137 14.68 -6.93 -25.72
CA PRO B 137 14.63 -5.63 -25.03
C PRO B 137 15.76 -4.66 -25.40
N ALA B 138 15.45 -3.38 -25.27
CA ALA B 138 16.46 -2.32 -25.42
C ALA B 138 17.33 -2.11 -24.17
N TRP B 139 16.79 -2.45 -22.98
CA TRP B 139 17.47 -2.25 -21.70
C TRP B 139 17.08 -3.38 -20.76
N ALA B 140 17.81 -3.52 -19.66
CA ALA B 140 17.41 -4.50 -18.63
C ALA B 140 16.14 -4.06 -17.93
N PRO B 141 15.42 -5.01 -17.31
CA PRO B 141 14.18 -4.60 -16.62
C PRO B 141 14.44 -3.65 -15.45
N GLY B 142 13.51 -2.71 -15.24
CA GLY B 142 13.54 -1.83 -14.10
C GLY B 142 14.63 -0.78 -14.16
N THR B 143 14.98 -0.37 -15.37
CA THR B 143 16.05 0.65 -15.55
C THR B 143 15.60 1.91 -16.31
N GLN B 144 14.70 1.72 -17.28
CA GLN B 144 14.21 2.82 -18.11
C GLN B 144 12.70 2.76 -18.24
N ARG B 145 12.07 3.92 -18.24
CA ARG B 145 10.64 4.06 -18.49
C ARG B 145 10.45 4.47 -19.93
N LEU B 146 9.69 3.67 -20.68
CA LEU B 146 9.30 4.02 -22.04
C LEU B 146 7.80 3.80 -22.20
N TYR B 147 7.06 4.90 -22.20
CA TYR B 147 5.60 4.85 -22.27
C TYR B 147 5.15 3.98 -23.43
N ALA B 148 4.26 3.04 -23.18
CA ALA B 148 3.96 2.02 -24.17
C ALA B 148 2.61 1.35 -23.96
N ASN B 149 1.82 1.31 -25.03
CA ASN B 149 0.56 0.57 -25.00
C ASN B 149 0.80 -0.93 -24.89
N SER B 150 1.88 -1.42 -25.49
CA SER B 150 2.18 -2.84 -25.48
C SER B 150 2.61 -3.33 -24.10
N SER B 151 2.97 -2.38 -23.23
CA SER B 151 3.38 -2.72 -21.87
C SER B 151 2.17 -2.78 -20.93
N ILE B 152 1.51 -1.66 -20.71
CA ILE B 152 0.40 -1.67 -19.75
C ILE B 152 -0.83 -2.42 -20.31
N GLY B 153 -0.97 -2.44 -21.62
CA GLY B 153 -1.98 -3.27 -22.26
C GLY B 153 -1.82 -4.74 -21.90
N LEU B 154 -0.59 -5.26 -21.95
CA LEU B 154 -0.35 -6.66 -21.52
C LEU B 154 -0.60 -6.84 -20.01
N PHE B 155 -0.17 -5.88 -19.22
CA PHE B 155 -0.53 -5.91 -17.80
C PHE B 155 -2.03 -6.13 -17.58
N GLY B 156 -2.83 -5.33 -18.28
CA GLY B 156 -4.27 -5.38 -18.07
C GLY B 156 -4.82 -6.74 -18.41
N ALA B 157 -4.38 -7.29 -19.52
CA ALA B 157 -4.86 -8.61 -19.97
C ALA B 157 -4.46 -9.72 -19.00
N LEU B 158 -3.25 -9.64 -18.44
CA LEU B 158 -2.80 -10.69 -17.52
C LEU B 158 -3.39 -10.55 -16.13
N ALA B 159 -3.63 -9.31 -15.71
CA ALA B 159 -4.15 -9.03 -14.38
C ALA B 159 -5.50 -9.69 -14.12
N VAL B 160 -6.30 -9.86 -15.17
CA VAL B 160 -7.63 -10.43 -15.02
C VAL B 160 -7.64 -11.95 -15.19
N LYS B 161 -6.52 -12.55 -15.57
CA LYS B 161 -6.51 -14.00 -15.80
C LYS B 161 -6.95 -14.84 -14.59
N PRO B 162 -6.42 -14.55 -13.39
CA PRO B 162 -6.86 -15.39 -12.25
C PRO B 162 -8.37 -15.36 -12.00
N SER B 163 -9.03 -14.25 -12.29
CA SER B 163 -10.46 -14.11 -12.05
C SER B 163 -11.27 -14.96 -13.04
N GLY B 164 -10.64 -15.33 -14.13
CA GLY B 164 -11.32 -16.02 -15.24
C GLY B 164 -12.31 -15.18 -16.02
N LEU B 165 -12.45 -13.90 -15.68
CA LEU B 165 -13.37 -12.99 -16.39
C LEU B 165 -12.67 -12.39 -17.60
N SER B 166 -13.43 -12.01 -18.63
CA SER B 166 -12.84 -11.23 -19.70
C SER B 166 -12.44 -9.88 -19.14
N PHE B 167 -11.57 -9.16 -19.84
CA PHE B 167 -11.18 -7.84 -19.37
C PHE B 167 -12.39 -6.92 -19.20
N GLU B 168 -13.29 -6.94 -20.18
CA GLU B 168 -14.45 -6.09 -20.13
C GLU B 168 -15.36 -6.44 -18.96
N GLN B 169 -15.62 -7.73 -18.74
CA GLN B 169 -16.50 -8.11 -17.63
C GLN B 169 -15.86 -7.77 -16.29
N ALA B 170 -14.55 -7.96 -16.17
CA ALA B 170 -13.86 -7.58 -14.94
C ALA B 170 -13.99 -6.07 -14.72
N MET B 171 -13.71 -5.29 -15.75
CA MET B 171 -13.80 -3.84 -15.61
C MET B 171 -15.22 -3.36 -15.24
N GLN B 172 -16.21 -3.93 -15.92
CA GLN B 172 -17.61 -3.56 -15.70
C GLN B 172 -18.05 -3.88 -14.28
N THR B 173 -17.77 -5.10 -13.84
CA THR B 173 -18.32 -5.57 -12.58
C THR B 173 -17.51 -5.10 -11.37
N ARG B 174 -16.21 -4.85 -11.57
CA ARG B 174 -15.34 -4.56 -10.44
C ARG B 174 -15.01 -3.09 -10.30
N VAL B 175 -15.17 -2.32 -11.39
CA VAL B 175 -14.84 -0.88 -11.32
C VAL B 175 -16.04 0.00 -11.68
N PHE B 176 -16.59 -0.17 -12.88
CA PHE B 176 -17.61 0.76 -13.37
C PHE B 176 -18.87 0.68 -12.47
N GLN B 177 -19.33 -0.54 -12.23
CA GLN B 177 -20.58 -0.68 -11.48
C GLN B 177 -20.55 -0.25 -10.02
N PRO B 178 -19.53 -0.67 -9.25
CA PRO B 178 -19.50 -0.20 -7.88
C PRO B 178 -19.44 1.33 -7.78
N LEU B 179 -18.85 1.98 -8.77
CA LEU B 179 -18.73 3.44 -8.73
C LEU B 179 -19.90 4.15 -9.43
N LYS B 180 -20.87 3.36 -9.89
CA LYS B 180 -22.06 3.87 -10.56
C LYS B 180 -21.72 4.66 -11.81
N LEU B 181 -20.73 4.17 -12.55
CA LEU B 181 -20.37 4.78 -13.82
C LEU B 181 -21.28 4.12 -14.85
N ASN B 182 -22.49 4.65 -14.97
CA ASN B 182 -23.55 3.95 -15.68
C ASN B 182 -23.62 4.23 -17.18
N HIS B 183 -22.73 5.08 -17.68
CA HIS B 183 -22.67 5.41 -19.11
C HIS B 183 -21.22 5.36 -19.61
N THR B 184 -20.47 4.41 -19.07
CA THR B 184 -19.06 4.16 -19.36
C THR B 184 -18.93 2.75 -19.93
N TRP B 185 -18.27 2.64 -21.09
CA TRP B 185 -18.19 1.39 -21.84
C TRP B 185 -16.87 1.21 -22.54
N ILE B 186 -16.43 -0.05 -22.62
CA ILE B 186 -15.35 -0.41 -23.50
C ILE B 186 -15.88 -0.69 -24.91
N ASN B 187 -17.05 -1.33 -24.99
CA ASN B 187 -17.76 -1.51 -26.25
C ASN B 187 -19.12 -0.84 -26.11
N VAL B 188 -19.37 0.23 -26.90
CA VAL B 188 -20.59 1.03 -26.74
C VAL B 188 -21.76 0.21 -27.26
N PRO B 189 -22.78 -0.04 -26.40
CA PRO B 189 -23.92 -0.86 -26.86
C PRO B 189 -24.85 -0.05 -27.76
N PRO B 190 -25.74 -0.73 -28.50
CA PRO B 190 -26.66 -0.04 -29.42
C PRO B 190 -27.46 1.08 -28.76
N ALA B 191 -27.84 0.91 -27.50
CA ALA B 191 -28.67 1.89 -26.82
C ALA B 191 -27.93 3.22 -26.62
N GLU B 192 -26.60 3.17 -26.57
CA GLU B 192 -25.82 4.36 -26.33
C GLU B 192 -25.24 4.98 -27.60
N GLU B 193 -25.37 4.30 -28.74
CA GLU B 193 -24.84 4.83 -30.00
C GLU B 193 -25.25 6.27 -30.29
N LYS B 194 -26.49 6.63 -29.95
CA LYS B 194 -27.00 7.97 -30.26
C LYS B 194 -26.25 9.04 -29.46
N ASN B 195 -25.64 8.63 -28.36
CA ASN B 195 -24.96 9.55 -27.46
C ASN B 195 -23.45 9.53 -27.69
N TYR B 196 -22.99 8.64 -28.55
CA TYR B 196 -21.56 8.49 -28.78
C TYR B 196 -21.07 9.58 -29.74
N ALA B 197 -20.36 10.58 -29.21
CA ALA B 197 -19.84 11.63 -30.09
C ALA B 197 -18.99 11.06 -31.21
N TRP B 198 -19.00 11.74 -32.34
CA TRP B 198 -17.96 11.52 -33.33
C TRP B 198 -16.69 12.28 -32.98
N GLY B 199 -15.54 11.71 -33.33
CA GLY B 199 -14.28 12.41 -33.24
C GLY B 199 -14.03 13.08 -34.58
N TYR B 200 -13.21 14.12 -34.59
CA TYR B 200 -12.91 14.82 -35.84
C TYR B 200 -11.42 14.95 -36.10
N ARG B 201 -10.98 14.37 -37.22
CA ARG B 201 -9.60 14.38 -37.63
C ARG B 201 -9.55 14.87 -39.06
N GLU B 202 -8.88 16.00 -39.26
CA GLU B 202 -8.83 16.67 -40.56
C GLU B 202 -10.23 16.87 -41.10
N GLY B 203 -11.15 17.24 -40.21
CA GLY B 203 -12.52 17.55 -40.60
C GLY B 203 -13.42 16.36 -40.87
N LYS B 204 -12.85 15.14 -40.80
CA LYS B 204 -13.62 13.92 -41.05
C LYS B 204 -14.08 13.27 -39.74
N ALA B 205 -15.33 12.81 -39.69
CA ALA B 205 -15.85 12.14 -38.50
C ALA B 205 -15.27 10.73 -38.38
N VAL B 206 -14.69 10.42 -37.22
CA VAL B 206 -14.02 9.15 -37.02
C VAL B 206 -14.23 8.57 -35.62
N HIS B 207 -14.22 7.24 -35.55
CA HIS B 207 -14.20 6.53 -34.28
C HIS B 207 -12.93 5.66 -34.22
N VAL B 208 -12.45 5.39 -33.02
CA VAL B 208 -11.29 4.54 -32.84
C VAL B 208 -11.48 3.15 -33.52
N SER B 209 -10.46 2.64 -34.20
CA SER B 209 -10.52 1.31 -34.86
C SER B 209 -10.06 0.20 -33.92
N PRO B 210 -10.53 -1.03 -34.16
CA PRO B 210 -10.06 -2.19 -33.39
C PRO B 210 -8.56 -2.39 -33.52
N GLY B 211 -7.96 -2.87 -32.43
CA GLY B 211 -6.53 -3.06 -32.36
C GLY B 211 -6.18 -3.95 -31.19
N ALA B 212 -5.03 -4.61 -31.28
CA ALA B 212 -4.57 -5.47 -30.20
C ALA B 212 -4.45 -4.66 -28.92
N LEU B 213 -5.02 -5.23 -27.85
CA LEU B 213 -4.95 -4.64 -26.51
C LEU B 213 -5.56 -3.26 -26.44
N ASP B 214 -6.47 -2.98 -27.37
CA ASP B 214 -7.15 -1.69 -27.38
C ASP B 214 -7.94 -1.42 -26.09
N ALA B 215 -8.75 -2.39 -25.66
CA ALA B 215 -9.53 -2.24 -24.44
C ALA B 215 -8.63 -1.86 -23.26
N GLU B 216 -7.52 -2.59 -23.12
CA GLU B 216 -6.64 -2.45 -21.97
C GLU B 216 -5.80 -1.17 -21.97
N ALA B 217 -5.49 -0.66 -23.15
CA ALA B 217 -4.59 0.50 -23.26
C ALA B 217 -5.26 1.82 -23.58
N TYR B 218 -6.37 1.81 -24.32
CA TYR B 218 -6.94 3.08 -24.76
C TYR B 218 -8.42 2.99 -25.16
N GLY B 219 -9.13 2.02 -24.61
CA GLY B 219 -10.44 1.68 -25.15
C GLY B 219 -11.72 2.10 -24.45
N VAL B 220 -11.64 2.97 -23.45
CA VAL B 220 -12.83 3.30 -22.69
C VAL B 220 -13.47 4.55 -23.29
N LYS B 221 -14.80 4.55 -23.34
CA LYS B 221 -15.62 5.72 -23.68
C LYS B 221 -16.48 6.11 -22.48
N SER B 222 -16.62 7.41 -22.20
CA SER B 222 -17.37 7.81 -21.00
C SER B 222 -17.96 9.20 -21.17
N THR B 223 -18.89 9.54 -20.27
CA THR B 223 -19.55 10.84 -20.26
C THR B 223 -18.85 11.75 -19.26
N ILE B 224 -19.14 13.05 -19.33
CA ILE B 224 -18.53 14.00 -18.40
C ILE B 224 -19.02 13.75 -16.97
N GLU B 225 -20.24 13.23 -16.82
CA GLU B 225 -20.76 12.96 -15.49
C GLU B 225 -20.06 11.77 -14.89
N ASP B 226 -19.91 10.70 -15.65
CA ASP B 226 -19.19 9.53 -15.13
C ASP B 226 -17.73 9.88 -14.83
N MET B 227 -17.11 10.69 -15.68
CA MET B 227 -15.71 11.05 -15.41
C MET B 227 -15.58 11.93 -14.17
N ALA B 228 -16.57 12.77 -13.89
CA ALA B 228 -16.55 13.55 -12.65
C ALA B 228 -16.59 12.62 -11.46
N ARG B 229 -17.40 11.56 -11.55
CA ARG B 229 -17.49 10.55 -10.49
C ARG B 229 -16.17 9.78 -10.35
N TRP B 230 -15.52 9.53 -11.48
CA TRP B 230 -14.21 8.86 -11.49
C TRP B 230 -13.22 9.72 -10.73
N VAL B 231 -13.22 11.03 -10.98
CA VAL B 231 -12.35 11.95 -10.24
C VAL B 231 -12.67 11.94 -8.75
N GLN B 232 -13.97 12.00 -8.40
CA GLN B 232 -14.34 11.98 -6.99
C GLN B 232 -13.83 10.73 -6.29
N SER B 233 -13.95 9.60 -6.96
CA SER B 233 -13.54 8.32 -6.41
C SER B 233 -12.05 8.28 -6.21
N ASN B 234 -11.29 8.85 -7.13
CA ASN B 234 -9.83 8.87 -6.96
C ASN B 234 -9.35 9.94 -5.98
N LEU B 235 -10.13 10.99 -5.81
CA LEU B 235 -9.85 12.03 -4.82
C LEU B 235 -10.01 11.49 -3.40
N LYS B 236 -11.01 10.65 -3.20
CA LYS B 236 -11.43 10.20 -1.86
C LYS B 236 -11.79 8.74 -1.84
N PRO B 237 -10.78 7.86 -1.98
CA PRO B 237 -11.04 6.43 -2.11
C PRO B 237 -11.62 5.84 -0.81
N LEU B 238 -11.43 6.51 0.32
CA LEU B 238 -11.95 5.97 1.57
C LEU B 238 -13.46 6.10 1.71
N ASP B 239 -14.09 6.79 0.77
CA ASP B 239 -15.54 6.87 0.71
C ASP B 239 -16.13 5.69 -0.05
N ILE B 240 -15.27 4.89 -0.65
CA ILE B 240 -15.74 3.75 -1.44
C ILE B 240 -16.02 2.54 -0.56
N ASN B 241 -17.21 1.98 -0.68
CA ASN B 241 -17.64 0.90 0.22
C ASN B 241 -17.02 -0.47 -0.09
N GLU B 242 -16.76 -0.74 -1.37
CA GLU B 242 -16.10 -1.98 -1.75
C GLU B 242 -14.63 -1.95 -1.36
N LYS B 243 -14.24 -2.84 -0.44
CA LYS B 243 -12.93 -2.80 0.20
C LYS B 243 -11.74 -2.97 -0.75
N THR B 244 -11.83 -3.96 -1.64
CA THR B 244 -10.73 -4.13 -2.60
C THR B 244 -10.62 -3.00 -3.61
N LEU B 245 -11.73 -2.36 -3.96
CA LEU B 245 -11.67 -1.30 -4.96
C LEU B 245 -11.07 -0.05 -4.31
N GLN B 246 -11.48 0.20 -3.07
CA GLN B 246 -10.86 1.25 -2.26
C GLN B 246 -9.34 1.09 -2.24
N GLN B 247 -8.88 -0.12 -1.93
CA GLN B 247 -7.45 -0.42 -1.88
C GLN B 247 -6.80 -0.28 -3.25
N GLY B 248 -7.50 -0.76 -4.27
CA GLY B 248 -7.01 -0.69 -5.64
C GLY B 248 -6.73 0.74 -6.09
N ILE B 249 -7.64 1.66 -5.77
CA ILE B 249 -7.44 3.08 -6.07
C ILE B 249 -6.21 3.62 -5.36
N GLN B 250 -6.04 3.24 -4.08
CA GLN B 250 -4.85 3.66 -3.34
C GLN B 250 -3.56 3.12 -3.94
N LEU B 251 -3.56 1.85 -4.39
CA LEU B 251 -2.38 1.23 -4.98
C LEU B 251 -2.01 1.91 -6.31
N ALA B 252 -3.03 2.41 -7.02
CA ALA B 252 -2.77 3.01 -8.35
C ALA B 252 -2.07 4.36 -8.23
N GLN B 253 -2.21 5.01 -7.08
CA GLN B 253 -1.56 6.30 -6.80
C GLN B 253 -0.31 6.14 -5.95
N SER B 254 0.10 4.91 -5.68
CA SER B 254 1.39 4.69 -5.04
C SER B 254 2.51 5.11 -6.00
N ARG B 255 3.63 5.54 -5.43
CA ARG B 255 4.75 6.00 -6.23
C ARG B 255 5.78 4.87 -6.38
N TYR B 256 5.87 4.30 -7.59
CA TYR B 256 6.74 3.13 -7.86
C TYR B 256 8.13 3.47 -8.38
N TRP B 257 8.19 4.54 -9.17
CA TRP B 257 9.41 4.95 -9.86
C TRP B 257 9.43 6.45 -9.89
N GLN B 258 10.63 7.02 -9.87
CA GLN B 258 10.78 8.44 -10.08
C GLN B 258 11.66 8.73 -11.31
N THR B 259 11.18 9.64 -12.16
CA THR B 259 12.03 10.25 -13.19
C THR B 259 11.87 11.77 -13.12
N GLY B 260 12.96 12.49 -12.86
CA GLY B 260 12.85 13.92 -12.71
C GLY B 260 11.92 14.28 -11.57
N ASP B 261 10.92 15.13 -11.83
CA ASP B 261 9.99 15.50 -10.80
C ASP B 261 8.68 14.71 -10.87
N MET B 262 8.63 13.65 -11.67
CA MET B 262 7.41 12.84 -11.75
CA MET B 262 7.42 12.83 -11.83
C MET B 262 7.55 11.43 -11.23
N TYR B 263 6.44 10.89 -10.76
CA TYR B 263 6.41 9.57 -10.19
C TYR B 263 5.39 8.76 -10.95
N GLN B 264 5.73 7.53 -11.24
CA GLN B 264 4.84 6.65 -11.97
C GLN B 264 3.97 5.79 -11.03
N GLY B 265 2.66 5.90 -11.17
CA GLY B 265 1.70 5.03 -10.48
C GLY B 265 1.26 3.92 -11.42
N LEU B 266 0.09 3.33 -11.16
CA LEU B 266 -0.45 2.35 -12.08
C LEU B 266 -1.46 3.14 -12.94
N GLY B 267 -1.07 3.48 -14.16
CA GLY B 267 -1.88 4.35 -15.01
C GLY B 267 -1.71 5.85 -14.69
N TRP B 268 -2.09 6.28 -13.49
CA TRP B 268 -1.82 7.63 -13.02
C TRP B 268 -0.33 7.95 -12.98
N GLU B 269 -0.04 9.22 -13.22
CA GLU B 269 1.26 9.83 -13.00
C GLU B 269 1.10 10.94 -11.97
N MET B 270 2.13 11.16 -11.14
CA MET B 270 1.97 12.08 -10.00
C MET B 270 3.18 12.98 -9.86
N LEU B 271 2.95 14.18 -9.35
CA LEU B 271 4.03 15.05 -8.93
C LEU B 271 3.67 15.64 -7.58
N ASP B 272 4.67 16.01 -6.78
CA ASP B 272 4.38 16.74 -5.55
C ASP B 272 3.69 18.09 -5.81
N TRP B 273 2.70 18.41 -4.96
CA TRP B 273 2.03 19.70 -4.98
C TRP B 273 2.62 20.58 -3.88
N PRO B 274 2.91 21.86 -4.19
CA PRO B 274 2.70 22.57 -5.46
C PRO B 274 3.67 22.15 -6.56
N VAL B 275 3.21 22.22 -7.80
CA VAL B 275 4.03 21.86 -8.94
CA VAL B 275 4.01 21.85 -8.95
C VAL B 275 4.51 23.09 -9.70
N ASN B 276 5.59 22.92 -10.44
CA ASN B 276 6.01 23.92 -11.38
C ASN B 276 5.19 23.69 -12.63
N PRO B 277 4.36 24.66 -13.01
CA PRO B 277 3.50 24.41 -14.16
C PRO B 277 4.26 24.20 -15.46
N ASP B 278 5.37 24.92 -15.68
CA ASP B 278 6.12 24.72 -16.93
C ASP B 278 6.59 23.28 -17.04
N SER B 279 6.85 22.64 -15.92
CA SER B 279 7.28 21.25 -15.90
C SER B 279 6.20 20.26 -16.39
N ILE B 280 4.97 20.41 -15.88
CA ILE B 280 3.89 19.53 -16.33
C ILE B 280 3.41 19.91 -17.74
N ILE B 281 3.42 21.21 -18.06
CA ILE B 281 3.04 21.64 -19.41
C ILE B 281 4.04 21.15 -20.44
N ASN B 282 5.32 21.50 -20.29
CA ASN B 282 6.34 21.04 -21.22
C ASN B 282 6.49 19.53 -21.22
N GLY B 283 6.37 18.91 -20.04
CA GLY B 283 6.58 17.47 -19.92
C GLY B 283 5.50 16.67 -20.60
N SER B 284 4.38 17.32 -20.92
CA SER B 284 3.25 16.60 -21.53
C SER B 284 3.41 16.53 -23.05
N ASP B 285 4.31 17.32 -23.60
CA ASP B 285 4.55 17.27 -25.03
C ASP B 285 5.08 15.88 -25.38
N ASN B 286 4.55 15.30 -26.46
CA ASN B 286 4.93 13.92 -26.78
C ASN B 286 6.43 13.74 -27.04
N LYS B 287 7.18 14.80 -27.35
CA LYS B 287 8.62 14.61 -27.53
CA LYS B 287 8.62 14.61 -27.53
C LYS B 287 9.30 14.26 -26.22
N ILE B 288 8.70 14.63 -25.10
CA ILE B 288 9.23 14.25 -23.78
C ILE B 288 8.46 13.01 -23.24
N ALA B 289 7.14 13.09 -23.34
CA ALA B 289 6.28 12.07 -22.72
C ALA B 289 6.46 10.67 -23.33
N LEU B 290 6.90 10.61 -24.58
CA LEU B 290 7.07 9.33 -25.26
C LEU B 290 8.54 8.91 -25.33
N ALA B 291 9.42 9.74 -24.77
CA ALA B 291 10.84 9.39 -24.74
C ALA B 291 11.27 8.52 -23.58
N ALA B 292 12.29 7.71 -23.80
CA ALA B 292 12.86 6.94 -22.70
C ALA B 292 13.53 7.81 -21.64
N ARG B 293 13.32 7.47 -20.36
CA ARG B 293 13.95 8.21 -19.27
C ARG B 293 14.40 7.19 -18.21
N PRO B 294 15.58 7.38 -17.63
CA PRO B 294 16.04 6.47 -16.57
C PRO B 294 15.18 6.64 -15.30
N VAL B 295 14.87 5.55 -14.62
CA VAL B 295 14.04 5.66 -13.43
C VAL B 295 14.79 5.19 -12.22
N LYS B 296 14.43 5.78 -11.09
CA LYS B 296 14.94 5.33 -9.80
C LYS B 296 13.80 4.58 -9.14
N ALA B 297 14.10 3.38 -8.68
CA ALA B 297 13.09 2.61 -7.95
C ALA B 297 12.85 3.28 -6.61
N ILE B 298 11.57 3.30 -6.23
CA ILE B 298 11.19 3.78 -4.92
CA ILE B 298 11.16 3.79 -4.93
C ILE B 298 10.90 2.53 -4.11
N THR B 299 11.83 2.23 -3.21
CA THR B 299 11.91 0.94 -2.55
C THR B 299 11.72 1.08 -1.04
N PRO B 300 10.50 0.79 -0.53
CA PRO B 300 9.31 0.31 -1.25
C PRO B 300 8.47 1.51 -1.72
N PRO B 301 7.43 1.25 -2.54
CA PRO B 301 6.63 2.36 -3.09
C PRO B 301 5.99 3.23 -2.02
N THR B 302 6.01 4.53 -2.23
CA THR B 302 5.39 5.46 -1.29
C THR B 302 3.87 5.40 -1.44
N PRO B 303 3.15 5.22 -0.33
CA PRO B 303 1.69 5.23 -0.45
C PRO B 303 1.21 6.57 -0.98
N ALA B 304 0.03 6.53 -1.60
CA ALA B 304 -0.57 7.70 -2.21
C ALA B 304 -0.41 8.96 -1.36
N VAL B 305 0.24 9.97 -1.94
CA VAL B 305 0.52 11.23 -1.28
C VAL B 305 -0.61 12.21 -1.52
N ARG B 306 -1.27 12.65 -0.46
CA ARG B 306 -2.37 13.58 -0.65
C ARG B 306 -2.00 14.90 -1.36
N ALA B 307 -0.86 15.50 -0.99
CA ALA B 307 -0.40 16.72 -1.61
C ALA B 307 0.32 16.41 -2.93
N SER B 308 -0.45 15.93 -3.89
CA SER B 308 0.06 15.62 -5.23
C SER B 308 -0.81 16.24 -6.29
N TRP B 309 -0.18 16.55 -7.44
CA TRP B 309 -0.91 16.73 -8.70
C TRP B 309 -0.92 15.35 -9.35
N VAL B 310 -2.11 14.76 -9.52
CA VAL B 310 -2.26 13.45 -10.11
C VAL B 310 -2.96 13.62 -11.45
N HIS B 311 -2.40 13.06 -12.52
CA HIS B 311 -2.98 13.38 -13.84
C HIS B 311 -2.72 12.30 -14.93
N LYS B 312 -3.41 12.45 -16.05
CA LYS B 312 -3.18 11.60 -17.20
C LYS B 312 -3.77 12.26 -18.45
N THR B 313 -3.00 12.28 -19.53
CA THR B 313 -3.47 12.73 -20.85
CA THR B 313 -3.51 12.73 -20.81
C THR B 313 -3.99 11.53 -21.64
N GLY B 314 -4.90 11.78 -22.57
CA GLY B 314 -5.36 10.70 -23.43
C GLY B 314 -5.66 11.18 -24.83
N ALA B 315 -5.43 10.35 -25.83
CA ALA B 315 -5.83 10.72 -27.19
C ALA B 315 -6.19 9.51 -28.02
N THR B 316 -7.13 9.72 -28.95
CA THR B 316 -7.28 8.78 -30.07
C THR B 316 -7.18 9.63 -31.33
N GLY B 317 -7.46 9.05 -32.49
CA GLY B 317 -7.36 9.81 -33.74
C GLY B 317 -8.24 11.03 -33.73
N GLY B 318 -9.43 10.92 -33.16
CA GLY B 318 -10.34 12.03 -33.17
C GLY B 318 -10.69 12.67 -31.83
N PHE B 319 -10.02 12.26 -30.75
CA PHE B 319 -10.39 12.81 -29.43
C PHE B 319 -9.16 13.19 -28.61
N GLY B 320 -9.32 14.16 -27.71
CA GLY B 320 -8.25 14.52 -26.79
C GLY B 320 -8.85 14.71 -25.41
N SER B 321 -8.29 14.04 -24.41
CA SER B 321 -8.82 14.06 -23.06
CA SER B 321 -8.82 14.07 -23.05
C SER B 321 -7.73 14.43 -22.05
N TYR B 322 -8.12 14.93 -20.88
CA TYR B 322 -7.16 15.19 -19.80
C TYR B 322 -7.90 15.13 -18.48
N VAL B 323 -7.24 14.56 -17.47
CA VAL B 323 -7.78 14.53 -16.11
CA VAL B 323 -7.77 14.55 -16.12
C VAL B 323 -6.66 14.91 -15.15
N ALA B 324 -6.97 15.77 -14.18
CA ALA B 324 -5.98 16.17 -13.17
C ALA B 324 -6.69 16.42 -11.83
N PHE B 325 -6.08 16.01 -10.73
CA PHE B 325 -6.73 16.30 -9.44
C PHE B 325 -5.69 16.40 -8.34
N ILE B 326 -6.06 17.06 -7.23
CA ILE B 326 -5.16 17.28 -6.11
C ILE B 326 -5.89 16.80 -4.85
N PRO B 327 -5.58 15.58 -4.36
CA PRO B 327 -6.40 15.02 -3.27
C PRO B 327 -6.49 15.94 -2.03
N GLU B 328 -5.38 16.54 -1.62
CA GLU B 328 -5.37 17.39 -0.43
C GLU B 328 -6.37 18.56 -0.52
N LYS B 329 -6.66 19.03 -1.74
CA LYS B 329 -7.54 20.18 -1.94
C LYS B 329 -8.98 19.80 -2.33
N GLU B 330 -9.24 18.50 -2.50
CA GLU B 330 -10.56 18.02 -2.93
C GLU B 330 -10.93 18.70 -4.24
N LEU B 331 -9.95 18.78 -5.13
CA LEU B 331 -10.07 19.63 -6.30
C LEU B 331 -9.68 18.86 -7.56
N GLY B 332 -10.44 19.00 -8.64
CA GLY B 332 -10.05 18.29 -9.87
C GLY B 332 -10.72 18.81 -11.11
N ILE B 333 -10.29 18.29 -12.27
CA ILE B 333 -10.83 18.71 -13.56
C ILE B 333 -10.79 17.55 -14.57
N VAL B 334 -11.83 17.47 -15.40
CA VAL B 334 -11.87 16.55 -16.53
C VAL B 334 -12.15 17.38 -17.76
N MET B 335 -11.37 17.20 -18.83
CA MET B 335 -11.59 17.95 -20.09
C MET B 335 -11.72 16.93 -21.21
N LEU B 336 -12.90 16.85 -21.84
CA LEU B 336 -13.15 15.89 -22.91
C LEU B 336 -13.48 16.64 -24.19
N ALA B 337 -12.72 16.37 -25.24
CA ALA B 337 -12.91 17.03 -26.54
C ALA B 337 -12.97 16.02 -27.67
N ASN B 338 -13.75 16.33 -28.71
CA ASN B 338 -13.78 15.45 -29.87
C ASN B 338 -12.91 15.97 -31.00
N LYS B 339 -11.71 16.44 -30.63
CA LYS B 339 -10.59 16.64 -31.52
C LYS B 339 -9.31 16.37 -30.72
N ASN B 340 -8.32 15.76 -31.37
CA ASN B 340 -7.01 15.52 -30.75
C ASN B 340 -6.05 16.71 -30.87
N TYR B 341 -6.05 17.57 -29.86
CA TYR B 341 -5.29 18.82 -29.89
C TYR B 341 -4.12 18.72 -28.92
N PRO B 342 -3.13 19.61 -29.02
CA PRO B 342 -1.85 19.31 -28.34
C PRO B 342 -1.93 19.22 -26.81
N ASN B 343 -1.27 18.19 -26.27
CA ASN B 343 -1.21 18.01 -24.83
C ASN B 343 -0.88 19.29 -24.04
N PRO B 344 0.15 20.06 -24.46
CA PRO B 344 0.50 21.19 -23.57
C PRO B 344 -0.63 22.20 -23.42
N ALA B 345 -1.44 22.38 -24.46
CA ALA B 345 -2.60 23.25 -24.41
C ALA B 345 -3.62 22.78 -23.39
N ARG B 346 -3.79 21.44 -23.28
CA ARG B 346 -4.68 20.89 -22.26
C ARG B 346 -4.18 21.19 -20.85
N VAL B 347 -2.92 20.90 -20.61
CA VAL B 347 -2.37 20.98 -19.27
C VAL B 347 -2.30 22.44 -18.85
N ASP B 348 -1.94 23.32 -19.77
CA ASP B 348 -1.92 24.74 -19.45
C ASP B 348 -3.29 25.23 -18.99
N ALA B 349 -4.34 24.88 -19.75
CA ALA B 349 -5.71 25.27 -19.37
C ALA B 349 -6.09 24.71 -18.00
N ALA B 350 -5.81 23.42 -17.79
CA ALA B 350 -6.12 22.80 -16.51
C ALA B 350 -5.40 23.47 -15.36
N TRP B 351 -4.13 23.78 -15.54
CA TRP B 351 -3.37 24.53 -14.52
C TRP B 351 -3.98 25.88 -14.20
N GLN B 352 -4.33 26.67 -15.22
CA GLN B 352 -4.93 27.98 -14.97
C GLN B 352 -6.18 27.85 -14.09
N ILE B 353 -6.99 26.84 -14.37
CA ILE B 353 -8.24 26.68 -13.65
C ILE B 353 -8.00 26.19 -12.24
N LEU B 354 -7.23 25.11 -12.07
CA LEU B 354 -7.04 24.56 -10.71
C LEU B 354 -6.21 25.50 -9.83
N ASN B 355 -5.23 26.20 -10.40
CA ASN B 355 -4.44 27.15 -9.62
C ASN B 355 -5.29 28.32 -9.15
N ALA B 356 -6.27 28.73 -9.96
CA ALA B 356 -7.15 29.83 -9.56
C ALA B 356 -8.01 29.41 -8.36
N LEU B 357 -8.38 28.14 -8.30
CA LEU B 357 -9.37 27.68 -7.35
C LEU B 357 -8.77 27.07 -6.08
N GLN B 358 -7.49 26.71 -6.08
CA GLN B 358 -6.92 26.04 -4.91
C GLN B 358 -6.68 27.02 -3.77
OAA BSF C . 16.52 -10.59 24.55
OAB BSF C . 16.22 -8.23 23.84
OAC BSF C . 11.43 -10.24 23.02
OAD BSF C . 12.43 -10.92 20.94
CAF BSF C . 16.68 -7.61 28.96
CAG BSF C . 16.10 -6.77 28.03
CAH BSF C . 16.52 -9.00 28.84
CAI BSF C . 15.39 -7.30 26.97
CAJ BSF C . 15.81 -9.54 27.78
CAK BSF C . 13.69 -9.08 22.43
CAL BSF C . 14.47 -9.23 25.68
NAM BSF C . 14.46 -10.12 23.12
CAN BSF C . 15.24 -8.66 26.85
SAP BSF C . 15.53 -9.51 24.21
BOR BSF C . 12.31 -9.72 21.87
P PO4 D . -13.98 -32.97 20.27
O1 PO4 D . -12.77 -32.44 19.54
O2 PO4 D . -13.72 -34.40 20.68
O3 PO4 D . -14.22 -32.15 21.52
O4 PO4 D . -15.17 -32.93 19.35
OAA BSF E . -2.67 7.27 -30.23
OAB BSF E . -1.46 5.46 -29.12
OAC BSF E . -1.38 7.93 -24.95
OAD BSF E . -3.71 8.20 -25.39
CAF BSF E . -3.87 3.31 -33.10
CAG BSF E . -3.25 2.74 -31.99
CAH BSF E . -4.57 4.49 -32.97
CAI BSF E . -3.35 3.35 -30.75
CAJ BSF E . -4.67 5.11 -31.73
CAK BSF E . -2.64 6.24 -26.54
CAL BSF E . -4.16 5.25 -29.25
NAM BSF E . -2.59 7.15 -27.68
CAN BSF E . -4.06 4.55 -30.62
SAP BSF E . -2.67 6.31 -29.08
BOR BSF E . -2.63 7.15 -25.24
P PO4 F . 13.42 21.68 -28.26
O1 PO4 F . 12.68 20.36 -28.28
O2 PO4 F . 14.91 21.45 -28.17
O3 PO4 F . 13.03 22.45 -29.52
O4 PO4 F . 13.00 22.49 -27.04
#